data_5Z65
#
_entry.id   5Z65
#
_cell.length_a   260.327
_cell.length_b   62.310
_cell.length_c   80.569
_cell.angle_alpha   90.00
_cell.angle_beta   100.06
_cell.angle_gamma   90.00
#
_symmetry.space_group_name_H-M   'C 1 2 1'
#
loop_
_entity.id
_entity.type
_entity.pdbx_description
1 polymer Aminopeptidase
2 branched 2-acetamido-2-deoxy-beta-D-glucopyranose-(1-4)-2-acetamido-2-deoxy-beta-D-glucopyranose-(1-4)-2-acetamido-2-deoxy-beta-D-glucopyranose
3 branched 2-acetamido-2-deoxy-beta-D-glucopyranose-(1-4)-2-acetamido-2-deoxy-beta-D-glucopyranose
4 non-polymer 2-acetamido-2-deoxy-beta-D-glucopyranose
5 non-polymer 'ZINC ION'
6 water water
#
_entity_poly.entity_id   1
_entity_poly.type   'polypeptide(L)'
_entity_poly.pdbx_seq_one_letter_code
;RSQSKPWNRYRLPTTLLPDSYNVTLRPYLTPNADGLYIFKGKSIVRFICQEPTDVIIIHSKKLNYTTQGHMVVLRGVGDS
QVPEIDRTELVELTEYLVVHLKGSLQPGHMYEMESEFQGELADDLAGFYRSEYMEGNVKKVLATTQMQSTDARKSFPCFD
EPAMKATFNITLIHPNNLTALSNMPPKGSSTPLAEDPNWSVTEFETTPVMSTYLLAYIVSEFQSVNETAQNGVLIRIWAR
PNAIAEGHGMYALNVTGPILNFFANHYNTPYPLPKSDQIALPDFNAGAMENWGLVTYRENALLFDPQSSSISNKERVVTV
IAHELAHQWFGNLVTLAWWNDLWLNEGFASYVEYLGADHAEPTWNLKDLIVPGDVYRVMAVDALASSHPLTTPAEEVNTP
AQISEMFDSISYSKGASVIRMLSNFLTEDLFKEGLASYLHAFAYQNTTYLDLWEHLQKAVDAQTSIRLPDTVRAIMDRWT
LQMGFPVITVDTKTGNISQKHFLLDSESNVTRSSAFDYLWIVPISSIKNGVMQDHYWLRDVSQAQNDLFKTASDDWVLLN
INVTGYFQVNYDEDNWRMIQHQLQTNLSVIPVINRAQVIYDSFNLATAHMVPVTLALDNTLFLNGEKEYMPWQAALSSLS
YFSLMFDRSEVYGPMKKYLRKQVEPLFQHFETLTKNWTERPENLMDQYSEINAISTACSNGLPQCENLAKTLFDQWMSDP
ENNPIHPNLRSTIYCNAIAQGGQDQWDFAWGQLQQAQLVNEADKLRSALACSNEVWLLNRYLGYTLNPDLIRKQDATSTI
NSIASNVIGQPLAWDFVQSNWKKLFQDYGGGSFSFSNLIQGVTRRFSSEFELQQLEQFKKNNMDVGFGSGTRALEQALEK
TKANIKWVKENKEVVLNWFIEHSTRTGHHHHHH
;
_entity_poly.pdbx_strand_id   A
#
loop_
_chem_comp.id
_chem_comp.type
_chem_comp.name
_chem_comp.formula
NAG D-saccharide, beta linking 2-acetamido-2-deoxy-beta-D-glucopyranose 'C8 H15 N O6'
ZN non-polymer 'ZINC ION' 'Zn 2'
#
# COMPACT_ATOMS: atom_id res chain seq x y z
N SER A 4 -39.83 -1.39 -5.07
CA SER A 4 -39.22 -2.09 -3.89
C SER A 4 -39.31 -1.21 -2.64
N LYS A 5 -39.19 -1.87 -1.48
CA LYS A 5 -39.35 -1.23 -0.18
C LYS A 5 -38.00 -0.60 0.10
N PRO A 6 -37.94 0.45 0.94
CA PRO A 6 -36.64 1.09 1.20
C PRO A 6 -35.63 0.26 2.03
N TRP A 7 -36.10 -0.78 2.72
CA TRP A 7 -35.24 -1.68 3.48
C TRP A 7 -34.63 -2.78 2.63
N ASN A 8 -35.03 -2.86 1.36
CA ASN A 8 -34.43 -3.78 0.42
C ASN A 8 -33.42 -3.11 -0.53
N ARG A 9 -33.31 -1.77 -0.51
CA ARG A 9 -32.19 -1.04 -1.15
C ARG A 9 -30.96 -0.92 -0.23
N TYR A 10 -29.77 -0.97 -0.84
CA TYR A 10 -28.51 -0.88 -0.13
C TYR A 10 -28.19 0.52 0.43
N ARG A 11 -28.66 1.59 -0.18
CA ARG A 11 -28.44 2.95 0.38
C ARG A 11 -29.53 3.35 1.37
N LEU A 12 -29.13 3.87 2.52
CA LEU A 12 -30.08 4.40 3.47
C LEU A 12 -30.97 5.50 2.84
N PRO A 13 -32.19 5.68 3.36
CA PRO A 13 -32.94 6.90 3.13
C PRO A 13 -32.15 8.16 3.47
N THR A 14 -32.68 9.32 3.11
CA THR A 14 -32.11 10.59 3.57
C THR A 14 -33.15 11.40 4.33
N THR A 15 -34.19 10.69 4.83
CA THR A 15 -35.24 11.27 5.65
C THR A 15 -34.87 11.45 7.10
N LEU A 16 -33.90 10.67 7.58
CA LEU A 16 -33.44 10.77 8.97
C LEU A 16 -31.95 10.99 8.95
N LEU A 17 -31.50 11.98 9.71
CA LEU A 17 -30.07 12.27 9.84
C LEU A 17 -29.63 12.25 11.28
N PRO A 18 -28.55 11.55 11.57
CA PRO A 18 -28.06 11.56 12.95
C PRO A 18 -27.40 12.89 13.38
N ASP A 19 -27.56 13.24 14.66
CA ASP A 19 -26.92 14.39 15.31
C ASP A 19 -25.77 13.92 16.21
N SER A 20 -26.09 13.02 17.14
CA SER A 20 -25.13 12.51 18.09
C SER A 20 -25.49 11.13 18.58
N TYR A 21 -24.48 10.34 18.93
CA TYR A 21 -24.68 9.02 19.53
C TYR A 21 -23.94 8.96 20.86
N ASN A 22 -24.60 8.37 21.85
CA ASN A 22 -23.92 7.80 23.06
C ASN A 22 -23.73 6.32 22.83
N VAL A 23 -22.49 5.85 22.92
CA VAL A 23 -22.21 4.44 22.74
C VAL A 23 -21.36 3.97 23.90
N THR A 24 -21.78 2.86 24.50
CA THR A 24 -21.09 2.25 25.63
C THR A 24 -20.78 0.81 25.28
N LEU A 25 -19.52 0.43 25.22
CA LEU A 25 -19.18 -0.98 24.99
C LEU A 25 -18.49 -1.66 26.17
N ARG A 26 -18.84 -2.93 26.40
CA ARG A 26 -18.22 -3.78 27.43
C ARG A 26 -17.73 -5.08 26.81
N PRO A 27 -16.44 -5.15 26.46
CA PRO A 27 -15.86 -6.40 25.99
C PRO A 27 -15.55 -7.37 27.12
N TYR A 28 -15.92 -8.64 26.93
CA TYR A 28 -15.57 -9.73 27.84
C TYR A 28 -14.37 -10.54 27.32
N LEU A 29 -13.18 -10.11 27.74
CA LEU A 29 -11.88 -10.70 27.34
C LEU A 29 -11.55 -12.12 27.84
N THR A 30 -12.45 -12.73 28.59
CA THR A 30 -12.31 -14.09 29.09
C THR A 30 -13.52 -14.83 28.59
N PRO A 31 -13.31 -15.96 27.89
CA PRO A 31 -14.48 -16.67 27.31
C PRO A 31 -15.42 -17.26 28.36
N ASN A 32 -16.63 -17.62 27.94
CA ASN A 32 -17.65 -18.21 28.83
C ASN A 32 -17.46 -19.74 29.12
N ALA A 33 -16.26 -20.28 28.82
CA ALA A 33 -15.89 -21.71 28.93
C ALA A 33 -16.41 -22.60 27.77
N ASP A 34 -17.39 -22.13 26.97
CA ASP A 34 -17.77 -22.79 25.71
C ASP A 34 -16.72 -22.52 24.63
N GLY A 35 -16.00 -21.40 24.78
CA GLY A 35 -15.00 -20.95 23.81
C GLY A 35 -15.34 -19.61 23.20
N LEU A 36 -16.58 -19.14 23.35
CA LEU A 36 -17.04 -17.85 22.79
C LEU A 36 -16.69 -16.64 23.64
N TYR A 37 -15.93 -15.70 23.06
CA TYR A 37 -15.76 -14.36 23.63
C TYR A 37 -16.87 -13.48 23.09
N ILE A 38 -17.45 -12.63 23.94
CA ILE A 38 -18.47 -11.69 23.50
C ILE A 38 -18.18 -10.24 23.91
N PHE A 39 -18.91 -9.29 23.32
CA PHE A 39 -19.00 -7.93 23.87
C PHE A 39 -20.47 -7.61 24.06
N LYS A 40 -20.79 -6.77 25.05
CA LYS A 40 -22.10 -6.17 25.23
C LYS A 40 -22.00 -4.66 25.03
N GLY A 41 -23.04 -4.08 24.43
CA GLY A 41 -23.17 -2.63 24.27
C GLY A 41 -24.56 -2.10 24.60
N LYS A 42 -24.60 -0.81 24.89
CA LYS A 42 -25.80 -0.01 24.95
C LYS A 42 -25.61 1.22 24.00
N SER A 43 -26.65 1.67 23.35
CA SER A 43 -26.49 2.83 22.46
C SER A 43 -27.67 3.71 22.44
N ILE A 44 -27.39 5.00 22.36
CA ILE A 44 -28.42 6.00 22.10
C ILE A 44 -28.00 6.87 20.93
N VAL A 45 -28.84 6.92 19.91
CA VAL A 45 -28.61 7.79 18.80
C VAL A 45 -29.71 8.82 18.79
N ARG A 46 -29.32 10.06 18.62
CA ARG A 46 -30.26 11.12 18.44
C ARG A 46 -30.15 11.62 17.03
N PHE A 47 -31.28 11.65 16.35
CA PHE A 47 -31.33 12.00 14.96
C PHE A 47 -32.43 12.97 14.72
N ILE A 48 -32.39 13.59 13.57
CA ILE A 48 -33.41 14.54 13.23
C ILE A 48 -34.15 14.10 12.00
N CYS A 49 -35.39 14.53 11.90
CA CYS A 49 -36.24 14.18 10.81
C CYS A 49 -36.23 15.29 9.77
N GLN A 50 -36.06 14.92 8.50
CA GLN A 50 -36.08 15.87 7.41
C GLN A 50 -37.39 15.92 6.68
N GLU A 51 -37.93 14.78 6.34
CA GLU A 51 -39.21 14.66 5.65
C GLU A 51 -40.00 13.58 6.41
N PRO A 52 -41.35 13.63 6.40
CA PRO A 52 -42.05 12.63 7.22
C PRO A 52 -41.77 11.19 6.80
N THR A 53 -41.69 10.31 7.78
CA THR A 53 -41.57 8.88 7.51
C THR A 53 -42.14 8.07 8.64
N ASP A 54 -42.65 6.89 8.31
CA ASP A 54 -43.25 5.99 9.29
C ASP A 54 -42.33 4.74 9.54
N VAL A 55 -41.08 4.83 9.08
CA VAL A 55 -40.13 3.75 9.18
C VAL A 55 -38.76 4.37 9.51
N ILE A 56 -38.01 3.69 10.38
CA ILE A 56 -36.66 4.12 10.75
C ILE A 56 -35.76 3.01 10.29
N ILE A 57 -34.71 3.37 9.55
CA ILE A 57 -33.83 2.40 8.96
C ILE A 57 -32.44 2.81 9.34
N ILE A 58 -31.73 1.86 9.92
CA ILE A 58 -30.42 2.06 10.52
C ILE A 58 -29.59 0.79 10.30
N HIS A 59 -28.29 0.92 10.19
CA HIS A 59 -27.48 -0.25 9.89
C HIS A 59 -27.32 -1.10 11.15
N SER A 60 -27.18 -2.41 11.00
CA SER A 60 -26.97 -3.37 12.12
C SER A 60 -26.51 -4.72 11.58
N LYS A 61 -25.38 -5.23 12.08
CA LYS A 61 -24.77 -6.46 11.53
C LYS A 61 -24.28 -7.43 12.62
N LYS A 62 -24.77 -8.66 12.60
CA LYS A 62 -24.37 -9.67 13.58
C LYS A 62 -24.41 -9.19 15.01
N LEU A 63 -25.51 -8.55 15.35
CA LEU A 63 -25.82 -8.11 16.72
C LEU A 63 -27.14 -8.78 17.21
N ASN A 64 -27.13 -9.32 18.45
CA ASN A 64 -28.35 -9.82 19.12
C ASN A 64 -28.85 -8.75 20.06
N TYR A 65 -30.13 -8.46 20.02
CA TYR A 65 -30.70 -7.37 20.79
C TYR A 65 -31.35 -7.98 22.00
N THR A 66 -31.13 -7.33 23.11
CA THR A 66 -31.61 -7.79 24.36
C THR A 66 -32.48 -6.75 25.02
N THR A 67 -32.97 -5.82 24.23
CA THR A 67 -33.81 -4.76 24.75
C THR A 67 -35.14 -5.31 25.22
N GLN A 68 -35.69 -4.66 26.24
CA GLN A 68 -36.96 -5.05 26.79
C GLN A 68 -38.06 -4.71 25.85
N GLY A 69 -38.94 -5.66 25.56
CA GLY A 69 -39.91 -5.47 24.50
C GLY A 69 -39.26 -5.42 23.13
N HIS A 70 -39.44 -4.33 22.42
CA HIS A 70 -38.96 -4.22 21.06
C HIS A 70 -37.46 -4.09 21.04
N MET A 71 -36.87 -4.25 19.86
CA MET A 71 -35.44 -4.19 19.69
C MET A 71 -34.87 -2.86 20.10
N VAL A 72 -35.66 -1.82 19.96
CA VAL A 72 -35.32 -0.51 20.50
C VAL A 72 -36.49 0.05 21.34
N VAL A 73 -36.16 1.07 22.11
CA VAL A 73 -37.10 1.94 22.75
C VAL A 73 -36.82 3.29 22.07
N LEU A 74 -37.85 4.13 21.99
CA LEU A 74 -37.84 5.38 21.19
C LEU A 74 -38.41 6.59 21.99
N ARG A 75 -37.80 7.76 21.88
CA ARG A 75 -38.29 8.92 22.60
C ARG A 75 -38.13 10.16 21.77
N GLY A 76 -38.75 11.26 22.19
CA GLY A 76 -38.58 12.54 21.53
C GLY A 76 -37.80 13.43 22.46
N VAL A 77 -36.85 14.17 21.91
CA VAL A 77 -36.06 15.12 22.69
C VAL A 77 -36.92 16.30 23.11
N GLY A 78 -36.65 16.86 24.29
CA GLY A 78 -37.53 17.87 24.88
C GLY A 78 -39.00 17.43 24.98
N ASP A 79 -39.87 18.42 24.83
CA ASP A 79 -41.34 18.24 24.86
C ASP A 79 -41.94 17.44 23.66
N SER A 80 -41.09 16.87 22.78
CA SER A 80 -41.54 16.13 21.57
C SER A 80 -42.12 14.75 21.86
N GLN A 81 -43.17 14.38 21.14
CA GLN A 81 -43.83 13.08 21.33
C GLN A 81 -43.48 12.19 20.14
N VAL A 82 -43.58 10.88 20.34
CA VAL A 82 -43.12 9.94 19.32
C VAL A 82 -44.17 8.83 19.10
N PRO A 83 -44.41 8.43 17.85
CA PRO A 83 -45.35 7.32 17.58
C PRO A 83 -44.97 6.02 18.25
N GLU A 84 -45.94 5.13 18.45
CA GLU A 84 -45.67 3.79 19.03
C GLU A 84 -44.95 2.94 18.01
N ILE A 85 -44.26 1.88 18.46
CA ILE A 85 -43.66 0.91 17.53
C ILE A 85 -44.69 -0.18 17.20
N ASP A 86 -44.85 -0.49 15.91
CA ASP A 86 -45.64 -1.64 15.41
C ASP A 86 -44.80 -2.93 15.48
N ARG A 87 -43.61 -2.88 14.91
CA ARG A 87 -42.64 -3.95 15.08
C ARG A 87 -41.21 -3.53 14.67
N THR A 88 -40.25 -4.39 14.97
CA THR A 88 -38.87 -4.19 14.62
C THR A 88 -38.30 -5.47 14.05
N GLU A 89 -37.90 -5.45 12.77
CA GLU A 89 -37.28 -6.60 12.11
C GLU A 89 -35.80 -6.33 11.79
N LEU A 90 -35.05 -7.41 11.64
CA LEU A 90 -33.72 -7.36 11.11
C LEU A 90 -33.85 -7.87 9.69
N VAL A 91 -33.04 -7.30 8.79
CA VAL A 91 -32.98 -7.70 7.40
C VAL A 91 -31.52 -7.99 7.12
N GLU A 92 -31.13 -9.26 7.12
CA GLU A 92 -29.73 -9.63 7.06
C GLU A 92 -29.00 -9.20 5.78
N LEU A 93 -29.61 -9.37 4.62
CA LEU A 93 -28.93 -9.05 3.36
C LEU A 93 -28.35 -7.62 3.31
N THR A 94 -29.21 -6.61 3.54
CA THR A 94 -28.85 -5.18 3.42
C THR A 94 -28.39 -4.58 4.75
N GLU A 95 -28.27 -5.44 5.76
CA GLU A 95 -27.61 -5.13 7.03
C GLU A 95 -28.31 -3.99 7.78
N TYR A 96 -29.63 -4.10 7.91
CA TYR A 96 -30.47 -3.08 8.55
C TYR A 96 -31.21 -3.62 9.75
N LEU A 97 -31.55 -2.70 10.63
CA LEU A 97 -32.55 -2.85 11.66
C LEU A 97 -33.65 -1.91 11.23
N VAL A 98 -34.86 -2.44 11.16
CA VAL A 98 -36.01 -1.72 10.68
C VAL A 98 -37.06 -1.53 11.78
N VAL A 99 -37.50 -0.30 12.00
CA VAL A 99 -38.47 0.02 13.02
C VAL A 99 -39.71 0.52 12.35
N HIS A 100 -40.75 -0.31 12.31
CA HIS A 100 -42.06 0.07 11.78
C HIS A 100 -42.87 0.78 12.86
N LEU A 101 -43.40 1.95 12.51
CA LEU A 101 -44.10 2.83 13.42
C LEU A 101 -45.59 2.87 13.06
N LYS A 102 -46.44 2.97 14.08
CA LYS A 102 -47.88 3.08 13.91
C LYS A 102 -48.29 4.46 13.35
N GLY A 103 -47.37 5.41 13.32
CA GLY A 103 -47.57 6.71 12.65
C GLY A 103 -46.26 7.34 12.23
N SER A 104 -46.24 8.65 12.05
CA SER A 104 -45.14 9.31 11.32
C SER A 104 -44.29 10.28 12.11
N LEU A 105 -42.97 10.20 11.92
CA LEU A 105 -42.07 11.20 12.51
C LEU A 105 -42.28 12.48 11.74
N GLN A 106 -41.93 13.59 12.39
CA GLN A 106 -42.32 14.90 11.96
C GLN A 106 -41.10 15.80 11.73
N PRO A 107 -41.08 16.54 10.60
CA PRO A 107 -39.94 17.39 10.23
C PRO A 107 -39.59 18.42 11.25
N GLY A 108 -38.32 18.44 11.63
CA GLY A 108 -37.81 19.41 12.57
C GLY A 108 -37.57 18.87 13.96
N HIS A 109 -38.23 17.74 14.28
CA HIS A 109 -38.16 17.13 15.60
C HIS A 109 -36.93 16.22 15.72
N MET A 110 -36.22 16.33 16.85
CA MET A 110 -35.18 15.40 17.22
C MET A 110 -35.80 14.25 17.98
N TYR A 111 -35.36 13.02 17.69
CA TYR A 111 -35.78 11.81 18.43
C TYR A 111 -34.56 11.08 18.97
N GLU A 112 -34.79 10.23 19.98
CA GLU A 112 -33.74 9.42 20.60
C GLU A 112 -34.09 7.95 20.44
N MET A 113 -33.15 7.17 19.92
CA MET A 113 -33.33 5.72 19.84
C MET A 113 -32.30 4.96 20.71
N GLU A 114 -32.81 4.00 21.51
CA GLU A 114 -32.02 3.32 22.52
C GLU A 114 -32.06 1.84 22.28
N SER A 115 -30.91 1.19 22.39
CA SER A 115 -30.78 -0.24 22.15
C SER A 115 -29.80 -0.84 23.14
N GLU A 116 -30.08 -2.07 23.55
CA GLU A 116 -29.12 -2.93 24.25
C GLU A 116 -28.90 -4.15 23.40
N PHE A 117 -27.65 -4.55 23.31
CA PHE A 117 -27.26 -5.56 22.36
C PHE A 117 -25.98 -6.27 22.78
N GLN A 118 -25.61 -7.28 22.00
CA GLN A 118 -24.32 -7.92 22.13
C GLN A 118 -23.94 -8.65 20.83
N GLY A 119 -22.65 -8.88 20.64
CA GLY A 119 -22.20 -9.75 19.57
C GLY A 119 -20.94 -10.51 19.93
N GLU A 120 -20.47 -11.31 18.96
CA GLU A 120 -19.23 -12.06 19.10
C GLU A 120 -18.01 -11.12 19.07
N LEU A 121 -17.08 -11.29 20.00
CA LEU A 121 -15.86 -10.50 20.02
C LEU A 121 -14.83 -11.34 19.27
N ALA A 122 -15.13 -11.64 18.01
CA ALA A 122 -14.40 -12.63 17.22
C ALA A 122 -12.99 -12.18 16.89
N ASP A 123 -12.12 -13.10 16.46
CA ASP A 123 -10.81 -12.68 15.95
C ASP A 123 -10.86 -12.57 14.44
N ASP A 124 -11.70 -11.65 13.95
CA ASP A 124 -12.01 -11.50 12.53
C ASP A 124 -11.60 -10.18 11.90
N LEU A 125 -10.81 -9.39 12.61
CA LEU A 125 -10.36 -8.04 12.17
C LEU A 125 -11.45 -7.14 11.55
N ALA A 126 -12.69 -7.27 12.05
CA ALA A 126 -13.86 -6.47 11.61
C ALA A 126 -14.69 -6.05 12.81
N GLY A 127 -15.21 -4.84 12.80
CA GLY A 127 -15.97 -4.32 13.96
C GLY A 127 -15.16 -4.19 15.26
N PHE A 128 -15.82 -4.47 16.38
CA PHE A 128 -15.12 -4.68 17.66
C PHE A 128 -14.68 -6.13 17.59
N TYR A 129 -13.38 -6.35 17.69
CA TYR A 129 -12.83 -7.67 17.50
C TYR A 129 -11.75 -7.91 18.56
N ARG A 130 -11.20 -9.12 18.59
CA ARG A 130 -10.16 -9.45 19.57
C ARG A 130 -8.86 -9.79 18.86
N SER A 131 -7.77 -9.58 19.57
CA SER A 131 -6.44 -9.89 19.09
C SER A 131 -5.71 -10.62 20.24
N GLU A 132 -5.07 -11.73 19.90
CA GLU A 132 -4.41 -12.57 20.87
C GLU A 132 -2.93 -12.47 20.56
N TYR A 133 -2.12 -12.15 21.58
CA TYR A 133 -0.66 -12.22 21.47
C TYR A 133 -0.01 -12.94 22.68
N MET A 134 1.30 -13.12 22.62
CA MET A 134 2.06 -13.77 23.69
C MET A 134 3.04 -12.83 24.39
N GLU A 135 2.88 -12.64 25.71
CA GLU A 135 3.87 -11.93 26.54
C GLU A 135 4.49 -12.95 27.53
N GLY A 136 5.63 -13.52 27.10
CA GLY A 136 6.33 -14.55 27.84
C GLY A 136 5.63 -15.90 27.73
N ASN A 137 5.32 -16.48 28.88
CA ASN A 137 4.45 -17.66 28.96
C ASN A 137 3.00 -17.33 28.67
N VAL A 138 2.59 -16.12 29.03
CA VAL A 138 1.16 -15.79 29.18
C VAL A 138 0.50 -15.41 27.83
N LYS A 139 -0.72 -15.93 27.63
CA LYS A 139 -1.66 -15.49 26.58
C LYS A 139 -2.21 -14.12 26.94
N LYS A 140 -2.16 -13.19 26.00
CA LYS A 140 -2.78 -11.87 26.18
C LYS A 140 -3.89 -11.71 25.14
N VAL A 141 -4.94 -10.98 25.54
CA VAL A 141 -6.14 -10.75 24.70
C VAL A 141 -6.60 -9.31 24.77
N LEU A 142 -6.39 -8.55 23.72
CA LEU A 142 -6.99 -7.22 23.67
C LEU A 142 -8.25 -7.13 22.80
N ALA A 143 -9.05 -6.12 23.11
CA ALA A 143 -10.19 -5.67 22.30
C ALA A 143 -9.77 -4.43 21.51
N THR A 144 -10.28 -4.32 20.29
CA THR A 144 -9.90 -3.25 19.36
C THR A 144 -10.81 -3.22 18.13
N THR A 145 -10.65 -2.21 17.27
CA THR A 145 -11.62 -1.96 16.20
C THR A 145 -11.03 -1.75 14.83
N GLN A 146 -11.71 -2.27 13.83
CA GLN A 146 -11.51 -1.87 12.48
C GLN A 146 -12.85 -1.63 11.85
N MET A 147 -13.26 -0.39 11.73
CA MET A 147 -14.57 -0.10 11.18
C MET A 147 -14.59 0.02 9.68
N GLN A 148 -13.42 0.11 9.08
CA GLN A 148 -13.27 0.62 7.74
C GLN A 148 -14.00 -0.20 6.72
N SER A 149 -14.49 0.58 5.76
CA SER A 149 -15.65 0.34 4.98
C SER A 149 -16.91 0.35 5.82
N THR A 150 -17.53 -0.80 5.96
CA THR A 150 -18.87 -0.89 6.48
C THR A 150 -19.05 -1.67 7.79
N ASP A 151 -18.06 -1.66 8.65
CA ASP A 151 -18.15 -2.49 9.85
C ASP A 151 -18.49 -1.86 11.18
N ALA A 152 -18.76 -0.58 11.21
CA ALA A 152 -19.13 0.08 12.45
C ALA A 152 -20.41 -0.50 12.94
N ARG A 153 -21.30 -0.78 12.02
CA ARG A 153 -22.58 -1.44 12.24
C ARG A 153 -22.52 -2.83 12.83
N LYS A 154 -21.34 -3.42 12.80
CA LYS A 154 -21.04 -4.69 13.47
C LYS A 154 -20.82 -4.54 15.01
N SER A 155 -20.75 -3.30 15.50
CA SER A 155 -20.34 -2.96 16.88
C SER A 155 -21.41 -2.26 17.71
N PHE A 156 -22.10 -1.32 17.07
CA PHE A 156 -23.38 -0.79 17.50
C PHE A 156 -24.25 -0.41 16.28
N PRO A 157 -25.57 -0.38 16.47
CA PRO A 157 -26.36 0.05 15.35
C PRO A 157 -26.19 1.54 15.07
N CYS A 158 -25.95 1.88 13.81
CA CYS A 158 -25.72 3.25 13.45
C CYS A 158 -26.07 3.57 12.01
N PHE A 159 -26.17 4.86 11.68
CA PHE A 159 -26.36 5.28 10.28
C PHE A 159 -25.01 5.22 9.56
N ASP A 160 -24.60 3.98 9.27
CA ASP A 160 -23.25 3.66 8.81
C ASP A 160 -22.89 4.04 7.34
N GLU A 161 -22.98 5.32 7.00
CA GLU A 161 -22.51 5.83 5.67
C GLU A 161 -21.66 7.09 5.90
N PRO A 162 -20.60 7.28 5.11
CA PRO A 162 -19.60 8.33 5.46
C PRO A 162 -20.10 9.76 5.60
N ALA A 163 -21.09 10.15 4.78
CA ALA A 163 -21.60 11.53 4.86
C ALA A 163 -22.53 11.76 6.08
N MET A 164 -23.09 10.71 6.67
CA MET A 164 -24.02 10.89 7.77
C MET A 164 -23.31 11.08 9.12
N LYS A 165 -22.46 12.09 9.18
CA LYS A 165 -21.59 12.38 10.29
C LYS A 165 -22.29 12.84 11.57
N ALA A 166 -21.67 12.58 12.73
CA ALA A 166 -22.25 13.00 14.01
C ALA A 166 -21.18 13.14 15.11
N THR A 167 -21.59 13.59 16.30
CA THR A 167 -20.67 13.55 17.42
C THR A 167 -20.80 12.22 18.17
N PHE A 168 -19.70 11.77 18.77
CA PHE A 168 -19.70 10.50 19.52
C PHE A 168 -19.17 10.59 20.96
N ASN A 169 -20.05 10.25 21.89
CA ASN A 169 -19.71 10.06 23.32
C ASN A 169 -19.48 8.59 23.62
N ILE A 170 -18.22 8.20 23.69
CA ILE A 170 -17.85 6.81 23.81
C ILE A 170 -17.58 6.49 25.28
N THR A 171 -18.14 5.40 25.78
CA THR A 171 -17.69 4.85 27.07
C THR A 171 -17.28 3.43 26.89
N LEU A 172 -16.18 3.07 27.54
CA LEU A 172 -15.72 1.70 27.62
C LEU A 172 -15.80 1.13 29.05
N ILE A 173 -16.45 -0.01 29.22
CA ILE A 173 -16.47 -0.72 30.51
C ILE A 173 -15.49 -1.88 30.37
N HIS A 174 -14.46 -1.91 31.20
CA HIS A 174 -13.30 -2.80 31.01
C HIS A 174 -12.72 -3.30 32.33
N PRO A 175 -11.86 -4.34 32.28
CA PRO A 175 -11.31 -4.81 33.57
C PRO A 175 -10.41 -3.75 34.20
N ASN A 176 -10.44 -3.66 35.53
CA ASN A 176 -9.89 -2.45 36.19
C ASN A 176 -8.40 -2.18 36.04
N ASN A 177 -7.60 -3.20 35.79
CA ASN A 177 -6.17 -2.97 35.58
C ASN A 177 -5.76 -2.78 34.12
N LEU A 178 -6.73 -2.66 33.20
CA LEU A 178 -6.41 -2.39 31.79
C LEU A 178 -6.62 -0.92 31.43
N THR A 179 -5.97 -0.47 30.36
CA THR A 179 -6.13 0.89 29.80
C THR A 179 -7.12 0.92 28.62
N ALA A 180 -8.01 1.88 28.63
CA ALA A 180 -8.96 2.13 27.49
C ALA A 180 -8.53 3.33 26.66
N LEU A 181 -8.62 3.21 25.32
CA LEU A 181 -8.40 4.36 24.45
C LEU A 181 -9.48 4.49 23.40
N SER A 182 -9.78 5.73 23.00
CA SER A 182 -10.72 5.99 21.93
C SER A 182 -10.19 7.18 21.14
N ASN A 183 -10.98 7.71 20.20
CA ASN A 183 -10.55 8.81 19.33
C ASN A 183 -10.12 10.03 20.14
N MET A 184 -10.92 10.42 21.13
CA MET A 184 -10.62 11.60 21.99
C MET A 184 -9.97 11.28 23.36
N PRO A 185 -9.49 12.31 24.09
CA PRO A 185 -9.04 12.08 25.48
C PRO A 185 -10.13 11.55 26.40
N PRO A 186 -9.76 10.81 27.41
CA PRO A 186 -10.71 10.37 28.43
C PRO A 186 -11.17 11.52 29.29
N LYS A 187 -12.42 11.48 29.72
CA LYS A 187 -13.02 12.61 30.40
C LYS A 187 -12.39 12.96 31.70
N GLY A 188 -12.03 11.97 32.48
CA GLY A 188 -11.27 12.23 33.67
C GLY A 188 -10.53 11.03 34.10
N SER A 189 -11.07 10.37 35.10
CA SER A 189 -10.46 9.21 35.61
C SER A 189 -11.51 8.16 35.53
N SER A 190 -11.08 6.94 35.36
CA SER A 190 -11.98 5.85 35.32
C SER A 190 -12.52 5.70 36.70
N THR A 191 -13.72 5.21 36.80
CA THR A 191 -14.34 5.02 38.06
C THR A 191 -14.90 3.63 38.00
N PRO A 192 -15.08 2.99 39.13
CA PRO A 192 -15.55 1.62 39.11
C PRO A 192 -17.01 1.50 38.74
N LEU A 193 -17.36 0.44 38.04
CA LEU A 193 -18.75 0.09 37.80
C LEU A 193 -19.46 -0.24 39.12
N ALA A 194 -20.50 0.51 39.44
CA ALA A 194 -21.37 0.26 40.60
C ALA A 194 -21.63 -1.22 40.86
N GLU A 195 -22.22 -1.92 39.88
CA GLU A 195 -22.65 -3.33 40.05
C GLU A 195 -21.52 -4.37 40.16
N ASP A 196 -20.30 -4.01 39.79
CA ASP A 196 -19.16 -4.95 39.85
C ASP A 196 -17.83 -4.17 39.74
N PRO A 197 -17.20 -3.86 40.89
CA PRO A 197 -15.97 -3.07 40.88
C PRO A 197 -14.70 -3.74 40.42
N ASN A 198 -14.75 -4.99 39.99
CA ASN A 198 -13.64 -5.51 39.17
C ASN A 198 -13.54 -4.78 37.83
N TRP A 199 -14.67 -4.26 37.35
CA TRP A 199 -14.71 -3.44 36.16
C TRP A 199 -14.63 -1.94 36.43
N SER A 200 -13.97 -1.25 35.51
CA SER A 200 -13.94 0.20 35.44
C SER A 200 -14.76 0.75 34.25
N VAL A 201 -15.04 2.05 34.33
CA VAL A 201 -15.79 2.75 33.33
C VAL A 201 -15.02 3.99 32.98
N THR A 202 -14.33 3.95 31.81
CA THR A 202 -13.68 5.12 31.18
C THR A 202 -14.59 5.82 30.15
N GLU A 203 -15.01 7.05 30.43
CA GLU A 203 -15.75 7.95 29.50
C GLU A 203 -14.75 8.81 28.73
N PHE A 204 -15.05 9.14 27.46
CA PHE A 204 -14.17 9.97 26.60
C PHE A 204 -14.81 11.32 26.35
N GLU A 205 -14.02 12.37 26.09
CA GLU A 205 -14.57 13.66 25.58
C GLU A 205 -15.33 13.48 24.26
N THR A 206 -16.45 14.19 24.09
CA THR A 206 -17.22 14.16 22.83
C THR A 206 -16.38 14.42 21.59
N THR A 207 -16.56 13.62 20.52
CA THR A 207 -15.80 13.78 19.25
C THR A 207 -16.23 15.03 18.50
N PRO A 208 -15.40 15.52 17.56
CA PRO A 208 -15.94 16.37 16.54
C PRO A 208 -17.00 15.65 15.74
N VAL A 209 -17.76 16.40 14.95
CA VAL A 209 -18.61 15.83 13.87
C VAL A 209 -17.68 15.03 12.98
N MET A 210 -18.01 13.77 12.75
CA MET A 210 -17.11 12.82 12.04
C MET A 210 -17.93 11.65 11.50
N SER A 211 -17.32 10.84 10.63
CA SER A 211 -17.98 9.63 10.11
C SER A 211 -17.79 8.37 10.97
N THR A 212 -18.78 7.49 10.94
CA THR A 212 -18.74 6.24 11.69
C THR A 212 -17.50 5.39 11.39
N TYR A 213 -17.03 5.39 10.15
CA TYR A 213 -15.90 4.49 9.81
C TYR A 213 -14.56 4.89 10.39
N LEU A 214 -14.48 6.08 11.01
CA LEU A 214 -13.22 6.54 11.62
C LEU A 214 -13.20 6.40 13.12
N LEU A 215 -14.16 5.65 13.71
CA LEU A 215 -14.14 5.36 15.13
C LEU A 215 -13.17 4.25 15.55
N ALA A 216 -12.63 4.44 16.76
CA ALA A 216 -11.82 3.46 17.41
C ALA A 216 -12.04 3.43 18.92
N TYR A 217 -12.04 2.23 19.45
CA TYR A 217 -11.89 2.01 20.89
C TYR A 217 -11.01 0.77 21.09
N ILE A 218 -10.13 0.84 22.08
CA ILE A 218 -9.18 -0.24 22.37
C ILE A 218 -9.09 -0.49 23.88
N VAL A 219 -9.20 -1.73 24.31
CA VAL A 219 -8.90 -2.15 25.70
C VAL A 219 -7.66 -3.06 25.70
N SER A 220 -6.60 -2.68 26.44
CA SER A 220 -5.30 -3.38 26.37
C SER A 220 -4.38 -3.15 27.62
N GLU A 221 -3.19 -3.75 27.59
CA GLU A 221 -2.14 -3.52 28.60
C GLU A 221 -1.09 -2.53 28.13
N PHE A 222 -1.30 -1.92 26.99
CA PHE A 222 -0.22 -1.21 26.28
C PHE A 222 0.25 0.01 27.05
N GLN A 223 1.47 0.41 26.77
CA GLN A 223 2.07 1.58 27.37
C GLN A 223 2.52 2.53 26.28
N SER A 224 3.14 3.66 26.64
CA SER A 224 3.39 4.67 25.64
C SER A 224 4.60 5.50 25.95
N VAL A 225 5.38 5.85 24.93
CA VAL A 225 6.28 7.00 25.03
C VAL A 225 5.56 8.29 24.56
N ASN A 226 5.75 9.39 25.28
CA ASN A 226 4.91 10.60 25.09
C ASN A 226 5.80 11.82 24.81
N GLU A 227 5.27 12.77 24.08
CA GLU A 227 5.92 14.05 23.84
C GLU A 227 4.79 15.06 23.76
N THR A 228 5.12 16.32 24.00
CA THR A 228 4.17 17.43 23.86
C THR A 228 4.81 18.49 22.97
N ALA A 229 4.12 18.86 21.90
CA ALA A 229 4.57 19.98 21.06
C ALA A 229 4.36 21.31 21.83
N GLN A 230 5.02 22.38 21.37
CA GLN A 230 4.87 23.73 21.98
C GLN A 230 3.43 24.24 22.01
N ASN A 231 2.68 23.88 20.97
CA ASN A 231 1.26 24.24 20.83
C ASN A 231 0.30 23.27 21.55
N GLY A 232 0.80 22.55 22.56
CA GLY A 232 -0.06 21.86 23.53
C GLY A 232 -0.66 20.54 23.12
N VAL A 233 -0.38 20.09 21.89
CA VAL A 233 -0.92 18.84 21.35
C VAL A 233 -0.11 17.68 21.91
N LEU A 234 -0.76 16.85 22.69
CA LEU A 234 -0.15 15.69 23.31
C LEU A 234 -0.01 14.51 22.33
N ILE A 235 1.22 14.10 22.02
CA ILE A 235 1.53 12.99 21.07
C ILE A 235 1.96 11.72 21.80
N ARG A 236 1.48 10.56 21.34
CA ARG A 236 1.84 9.24 21.92
C ARG A 236 1.99 8.10 20.91
N ILE A 237 2.94 7.20 21.19
CA ILE A 237 3.09 5.92 20.51
C ILE A 237 2.78 4.80 21.52
N TRP A 238 1.73 4.02 21.27
CA TRP A 238 1.33 2.95 22.18
C TRP A 238 1.79 1.63 21.62
N ALA A 239 2.26 0.73 22.48
CA ALA A 239 2.76 -0.58 22.04
C ALA A 239 2.68 -1.57 23.15
N ARG A 240 3.17 -2.77 22.92
CA ARG A 240 3.25 -3.72 24.03
C ARG A 240 4.24 -3.23 25.05
N PRO A 241 4.02 -3.58 26.33
CA PRO A 241 4.95 -3.21 27.42
C PRO A 241 6.42 -3.56 27.16
N ASN A 242 6.69 -4.82 26.83
CA ASN A 242 8.06 -5.25 26.42
C ASN A 242 8.66 -4.50 25.24
N ALA A 243 7.82 -4.01 24.33
CA ALA A 243 8.30 -3.27 23.14
C ALA A 243 8.64 -1.80 23.44
N ILE A 244 7.86 -1.17 24.32
CA ILE A 244 8.13 0.23 24.73
C ILE A 244 9.45 0.31 25.47
N ALA A 245 9.62 -0.61 26.42
CA ALA A 245 10.85 -0.82 27.18
C ALA A 245 12.13 -0.85 26.35
N GLU A 246 12.12 -1.60 25.24
CA GLU A 246 13.30 -1.69 24.35
C GLU A 246 13.55 -0.42 23.50
N GLY A 247 12.72 0.61 23.67
CA GLY A 247 12.86 1.88 22.95
C GLY A 247 12.43 1.83 21.49
N HIS A 248 11.58 0.85 21.15
CA HIS A 248 11.16 0.61 19.75
C HIS A 248 10.16 1.66 19.26
N GLY A 249 9.46 2.28 20.21
CA GLY A 249 8.61 3.41 19.92
C GLY A 249 9.29 4.74 19.68
N MET A 250 10.61 4.82 19.79
CA MET A 250 11.25 6.13 19.76
C MET A 250 11.28 6.83 18.40
N TYR A 251 11.63 6.12 17.32
CA TYR A 251 11.64 6.76 15.97
C TYR A 251 10.26 7.33 15.57
N ALA A 252 9.20 6.57 15.83
CA ALA A 252 7.83 7.01 15.54
C ALA A 252 7.45 8.30 16.25
N LEU A 253 7.72 8.36 17.55
CA LEU A 253 7.56 9.59 18.34
C LEU A 253 8.40 10.79 17.85
N ASN A 254 9.58 10.54 17.30
CA ASN A 254 10.49 11.61 16.87
C ASN A 254 10.02 12.29 15.59
N VAL A 255 9.55 11.49 14.63
CA VAL A 255 9.08 12.00 13.32
C VAL A 255 7.64 12.54 13.36
N THR A 256 6.81 12.03 14.27
CA THR A 256 5.38 12.40 14.33
C THR A 256 5.13 13.92 14.47
N GLY A 257 5.84 14.54 15.41
CA GLY A 257 5.76 15.99 15.63
C GLY A 257 5.98 16.79 14.37
N PRO A 258 7.17 16.67 13.73
CA PRO A 258 7.52 17.28 12.43
C PRO A 258 6.49 17.05 11.30
N ILE A 259 5.98 15.83 11.22
CA ILE A 259 5.02 15.47 10.19
C ILE A 259 3.75 16.29 10.39
N LEU A 260 3.20 16.26 11.60
CA LEU A 260 2.01 17.08 11.93
C LEU A 260 2.23 18.55 11.69
N ASN A 261 3.39 19.04 12.11
CA ASN A 261 3.81 20.40 11.76
C ASN A 261 3.83 20.71 10.24
N PHE A 262 4.43 19.82 9.45
CA PHE A 262 4.49 19.98 8.00
C PHE A 262 3.08 20.13 7.42
N PHE A 263 2.17 19.25 7.88
CA PHE A 263 0.81 19.19 7.29
C PHE A 263 -0.06 20.35 7.73
N ALA A 264 0.14 20.83 8.95
CA ALA A 264 -0.56 22.05 9.35
C ALA A 264 -0.15 23.23 8.48
N ASN A 265 1.15 23.40 8.23
CA ASN A 265 1.54 24.44 7.30
C ASN A 265 1.07 24.14 5.85
N HIS A 266 1.19 22.88 5.41
CA HIS A 266 0.82 22.47 4.04
C HIS A 266 -0.65 22.67 3.71
N TYR A 267 -1.50 22.15 4.59
CA TYR A 267 -2.93 22.33 4.48
C TYR A 267 -3.32 23.72 4.95
N ASN A 268 -2.42 24.41 5.67
CA ASN A 268 -2.68 25.77 6.16
C ASN A 268 -3.99 25.71 7.01
N THR A 269 -3.93 24.76 7.92
CA THR A 269 -4.98 24.45 8.86
C THR A 269 -4.33 23.69 9.96
N PRO A 270 -4.70 23.97 11.20
CA PRO A 270 -4.10 23.27 12.32
C PRO A 270 -4.76 21.92 12.59
N TYR A 271 -4.03 21.02 13.23
CA TYR A 271 -4.49 19.70 13.60
C TYR A 271 -5.79 19.88 14.32
N PRO A 272 -6.84 19.22 13.85
CA PRO A 272 -8.14 19.52 14.40
C PRO A 272 -8.53 18.86 15.74
N LEU A 273 -7.58 18.25 16.46
CA LEU A 273 -7.87 17.53 17.70
C LEU A 273 -6.86 17.84 18.82
N PRO A 274 -7.22 17.56 20.09
CA PRO A 274 -6.27 17.81 21.22
C PRO A 274 -5.05 16.89 21.29
N LYS A 275 -5.19 15.62 20.94
CA LYS A 275 -4.06 14.66 20.92
C LYS A 275 -3.94 13.80 19.63
N SER A 276 -2.80 13.12 19.49
CA SER A 276 -2.63 12.02 18.52
C SER A 276 -2.10 10.78 19.20
N ASP A 277 -2.96 9.80 19.45
CA ASP A 277 -2.47 8.46 19.75
C ASP A 277 -2.21 7.70 18.44
N GLN A 278 -1.14 6.91 18.44
CA GLN A 278 -0.79 6.01 17.36
C GLN A 278 -0.44 4.73 18.05
N ILE A 279 -1.05 3.62 17.64
CA ILE A 279 -0.93 2.37 18.39
C ILE A 279 -0.41 1.24 17.48
N ALA A 280 0.49 0.42 18.01
CA ALA A 280 1.17 -0.63 17.25
C ALA A 280 0.64 -1.98 17.70
N LEU A 281 -0.22 -2.57 16.86
CA LEU A 281 -0.95 -3.81 17.18
C LEU A 281 -0.33 -5.06 16.58
N PRO A 282 -0.24 -6.15 17.37
CA PRO A 282 0.27 -7.43 16.85
C PRO A 282 -0.71 -8.13 15.88
N ASP A 283 -0.23 -8.48 14.70
CA ASP A 283 -1.05 -9.08 13.66
C ASP A 283 -2.22 -8.25 13.15
N PHE A 284 -2.00 -6.98 12.87
CA PHE A 284 -3.04 -6.17 12.27
C PHE A 284 -2.80 -6.18 10.77
N ASN A 285 -3.56 -6.98 10.05
CA ASN A 285 -3.18 -7.29 8.70
C ASN A 285 -3.79 -6.41 7.65
N ALA A 286 -4.52 -5.39 8.09
CA ALA A 286 -4.96 -4.33 7.20
C ALA A 286 -3.90 -3.26 7.09
N GLY A 287 -2.86 -3.39 7.89
CA GLY A 287 -1.70 -2.53 7.87
C GLY A 287 -1.75 -1.21 8.58
N ALA A 288 -2.59 -0.29 8.13
CA ALA A 288 -2.77 0.93 8.88
C ALA A 288 -4.16 1.46 8.68
N MET A 289 -4.75 2.02 9.72
CA MET A 289 -6.06 2.62 9.61
C MET A 289 -6.07 4.00 10.23
N GLU A 290 -6.46 4.99 9.46
CA GLU A 290 -6.33 6.35 9.91
C GLU A 290 -7.47 6.84 10.78
N ASN A 291 -7.76 6.11 11.84
CA ASN A 291 -8.86 6.47 12.70
C ASN A 291 -8.50 7.77 13.27
N TRP A 292 -9.44 8.67 13.42
CA TRP A 292 -9.12 10.03 13.76
C TRP A 292 -8.72 10.09 15.20
N GLY A 293 -7.48 10.48 15.43
CA GLY A 293 -6.94 10.65 16.77
C GLY A 293 -6.41 9.38 17.39
N LEU A 294 -6.65 8.21 16.77
CA LEU A 294 -6.20 6.89 17.25
C LEU A 294 -5.83 5.97 16.09
N VAL A 295 -4.69 6.18 15.47
CA VAL A 295 -4.37 5.49 14.23
C VAL A 295 -3.71 4.16 14.54
N THR A 296 -4.18 3.12 13.89
CA THR A 296 -3.70 1.76 14.16
C THR A 296 -2.74 1.29 13.06
N TYR A 297 -1.69 0.58 13.44
CA TYR A 297 -0.69 0.07 12.54
C TYR A 297 -0.37 -1.37 12.96
N ARG A 298 0.05 -2.20 12.03
CA ARG A 298 0.56 -3.47 12.48
C ARG A 298 1.83 -3.14 13.16
N GLU A 299 2.17 -3.90 14.16
CA GLU A 299 3.19 -3.57 15.12
C GLU A 299 4.51 -3.34 14.45
N ASN A 300 4.79 -4.21 13.51
CA ASN A 300 6.04 -4.22 12.79
C ASN A 300 6.27 -2.97 11.97
N ALA A 301 5.22 -2.42 11.39
CA ALA A 301 5.29 -1.19 10.63
C ALA A 301 5.62 0.09 11.38
N LEU A 302 4.99 0.28 12.52
CA LEU A 302 5.31 1.40 13.40
C LEU A 302 6.63 1.33 14.14
N LEU A 303 6.94 0.16 14.67
CA LEU A 303 8.08 0.02 15.55
C LEU A 303 9.41 -0.05 14.84
N PHE A 304 10.45 0.49 15.46
CA PHE A 304 11.78 0.45 14.91
C PHE A 304 12.80 0.10 15.96
N ASP A 305 13.71 -0.82 15.65
CA ASP A 305 14.86 -1.14 16.48
C ASP A 305 16.10 -0.84 15.66
N PRO A 306 16.81 0.27 15.96
CA PRO A 306 17.92 0.76 15.08
C PRO A 306 19.18 -0.08 15.00
N GLN A 307 19.33 -1.05 15.91
CA GLN A 307 20.53 -1.88 16.01
C GLN A 307 20.45 -3.04 15.03
N SER A 308 19.23 -3.46 14.70
CA SER A 308 18.98 -4.47 13.68
C SER A 308 18.31 -4.00 12.37
N SER A 309 17.56 -2.90 12.35
CA SER A 309 16.76 -2.52 11.14
C SER A 309 17.57 -1.78 10.04
N SER A 310 17.28 -2.05 8.77
CA SER A 310 17.89 -1.28 7.66
C SER A 310 17.18 0.04 7.40
N ILE A 311 17.84 0.92 6.66
CA ILE A 311 17.30 2.20 6.23
C ILE A 311 15.94 2.11 5.53
N SER A 312 15.67 1.02 4.80
CA SER A 312 14.33 0.83 4.22
C SER A 312 13.25 0.30 5.20
N ASN A 313 13.58 -0.23 6.40
CA ASN A 313 12.59 -0.22 7.53
C ASN A 313 12.27 1.20 7.94
N LYS A 314 13.33 2.00 8.11
CA LYS A 314 13.23 3.36 8.60
C LYS A 314 12.39 4.16 7.65
N GLU A 315 12.70 4.08 6.37
CA GLU A 315 11.90 4.77 5.36
C GLU A 315 10.45 4.29 5.33
N ARG A 316 10.25 3.01 5.61
CA ARG A 316 8.91 2.45 5.69
C ARG A 316 8.12 3.04 6.88
N VAL A 317 8.78 3.28 8.00
CA VAL A 317 8.08 3.75 9.16
C VAL A 317 7.59 5.16 8.96
N VAL A 318 8.52 6.02 8.56
CA VAL A 318 8.20 7.41 8.37
C VAL A 318 7.14 7.63 7.31
N THR A 319 7.22 6.93 6.18
CA THR A 319 6.20 7.12 5.13
C THR A 319 4.84 6.64 5.57
N VAL A 320 4.79 5.47 6.18
CA VAL A 320 3.53 4.91 6.68
C VAL A 320 2.90 5.83 7.73
N ILE A 321 3.72 6.40 8.60
CA ILE A 321 3.26 7.41 9.53
C ILE A 321 2.73 8.65 8.81
N ALA A 322 3.46 9.15 7.82
CA ALA A 322 3.02 10.32 7.04
C ALA A 322 1.69 10.12 6.28
N HIS A 323 1.47 8.91 5.75
CA HIS A 323 0.22 8.54 5.05
C HIS A 323 -0.96 8.68 5.99
N GLU A 324 -0.88 8.07 7.15
CA GLU A 324 -2.03 8.06 8.02
C GLU A 324 -2.31 9.43 8.62
N LEU A 325 -1.25 10.20 8.88
CA LEU A 325 -1.39 11.54 9.46
C LEU A 325 -1.89 12.56 8.43
N ALA A 326 -1.47 12.43 7.18
CA ALA A 326 -2.14 13.19 6.11
C ALA A 326 -3.66 13.04 6.15
N HIS A 327 -4.18 11.85 6.49
CA HIS A 327 -5.65 11.61 6.53
C HIS A 327 -6.38 12.35 7.64
N GLN A 328 -5.65 12.77 8.68
CA GLN A 328 -6.27 13.50 9.80
C GLN A 328 -6.84 14.87 9.40
N TRP A 329 -6.45 15.37 8.23
CA TRP A 329 -7.12 16.49 7.57
C TRP A 329 -7.94 16.00 6.38
N PHE A 330 -7.26 15.59 5.30
CA PHE A 330 -7.89 15.30 4.01
C PHE A 330 -8.37 13.86 4.11
N GLY A 331 -9.69 13.68 4.25
CA GLY A 331 -10.31 12.36 4.56
C GLY A 331 -11.18 12.34 5.82
N ASN A 332 -10.56 12.74 6.95
CA ASN A 332 -11.22 12.77 8.24
C ASN A 332 -11.91 14.12 8.54
N LEU A 333 -11.19 15.23 8.35
CA LEU A 333 -11.79 16.59 8.46
C LEU A 333 -12.69 16.97 7.26
N VAL A 334 -12.26 16.63 6.04
CA VAL A 334 -13.15 16.72 4.91
C VAL A 334 -13.22 15.34 4.33
N THR A 335 -14.45 14.89 4.11
CA THR A 335 -14.69 13.52 3.84
C THR A 335 -15.39 13.34 2.50
N LEU A 336 -14.84 12.50 1.62
CA LEU A 336 -15.53 12.17 0.41
C LEU A 336 -16.88 11.49 0.77
N ALA A 337 -17.91 11.83 0.00
CA ALA A 337 -19.28 11.55 0.34
C ALA A 337 -19.64 10.09 0.23
N TRP A 338 -18.98 9.38 -0.71
CA TRP A 338 -19.26 7.98 -0.96
C TRP A 338 -18.05 7.28 -1.56
N TRP A 339 -18.05 5.95 -1.48
CA TRP A 339 -16.87 5.12 -1.73
C TRP A 339 -16.39 5.13 -3.24
N ASN A 340 -17.25 5.51 -4.18
CA ASN A 340 -16.80 5.72 -5.57
C ASN A 340 -15.68 6.74 -5.73
N ASP A 341 -15.51 7.66 -4.78
CA ASP A 341 -14.43 8.67 -4.81
C ASP A 341 -13.25 8.34 -3.89
N LEU A 342 -13.16 7.10 -3.40
CA LEU A 342 -12.03 6.66 -2.57
C LEU A 342 -10.65 6.94 -3.19
N TRP A 343 -10.53 6.93 -4.50
CA TRP A 343 -9.25 7.25 -5.16
C TRP A 343 -8.71 8.59 -4.76
N LEU A 344 -9.58 9.58 -4.64
CA LEU A 344 -9.11 10.90 -4.28
C LEU A 344 -8.49 10.89 -2.88
N ASN A 345 -9.14 10.22 -1.95
CA ASN A 345 -8.71 10.24 -0.56
C ASN A 345 -7.40 9.49 -0.42
N GLU A 346 -7.41 8.24 -0.87
CA GLU A 346 -6.22 7.41 -0.80
C GLU A 346 -5.09 7.81 -1.76
N GLY A 347 -5.43 8.39 -2.89
CA GLY A 347 -4.40 8.90 -3.79
C GLY A 347 -3.67 10.10 -3.23
N PHE A 348 -4.44 11.00 -2.63
CA PHE A 348 -3.90 12.17 -2.06
C PHE A 348 -2.94 11.78 -0.99
N ALA A 349 -3.39 10.94 -0.06
CA ALA A 349 -2.52 10.48 1.00
C ALA A 349 -1.32 9.78 0.46
N SER A 350 -1.54 8.82 -0.44
CA SER A 350 -0.45 8.09 -1.12
C SER A 350 0.62 8.96 -1.83
N TYR A 351 0.28 10.20 -2.11
CA TYR A 351 1.21 11.19 -2.71
C TYR A 351 1.93 12.05 -1.67
N VAL A 352 1.14 12.66 -0.77
CA VAL A 352 1.68 13.55 0.25
C VAL A 352 2.42 12.80 1.33
N GLU A 353 2.31 11.46 1.36
CA GLU A 353 3.12 10.71 2.30
C GLU A 353 4.58 11.03 2.05
N TYR A 354 4.97 11.16 0.79
CA TYR A 354 6.36 11.47 0.45
C TYR A 354 6.84 12.86 0.89
N LEU A 355 5.99 13.86 0.74
CA LEU A 355 6.32 15.23 1.11
C LEU A 355 6.55 15.34 2.62
N GLY A 356 5.57 14.83 3.38
CA GLY A 356 5.62 14.84 4.83
C GLY A 356 6.77 14.06 5.45
N ALA A 357 7.23 13.02 4.78
CA ALA A 357 8.34 12.27 5.27
C ALA A 357 9.65 12.92 4.82
N ASP A 358 9.68 13.53 3.63
CA ASP A 358 10.86 14.32 3.15
C ASP A 358 11.31 15.46 4.09
N HIS A 359 10.31 16.08 4.72
CA HIS A 359 10.44 17.12 5.76
C HIS A 359 10.97 16.55 7.06
N ALA A 360 10.48 15.39 7.45
CA ALA A 360 10.86 14.74 8.71
C ALA A 360 12.29 14.28 8.76
N GLU A 361 12.78 13.73 7.65
CA GLU A 361 14.19 13.41 7.49
C GLU A 361 14.71 14.38 6.43
N PRO A 362 15.14 15.60 6.86
CA PRO A 362 15.29 16.73 5.92
C PRO A 362 16.32 16.47 4.80
N THR A 363 17.42 15.79 5.16
CA THR A 363 18.53 15.50 4.26
C THR A 363 18.45 14.18 3.51
N TRP A 364 17.25 13.78 3.10
CA TRP A 364 17.08 12.51 2.43
C TRP A 364 16.62 12.53 0.98
N ASN A 365 15.76 13.46 0.61
CA ASN A 365 15.10 13.37 -0.68
C ASN A 365 14.24 12.13 -0.92
N LEU A 366 13.27 11.92 -0.06
CA LEU A 366 12.26 10.91 -0.24
C LEU A 366 11.32 11.15 -1.41
N LYS A 367 11.15 12.39 -1.83
CA LYS A 367 10.07 12.71 -2.73
C LYS A 367 10.14 11.93 -4.02
N ASP A 368 11.31 11.81 -4.58
CA ASP A 368 11.52 11.13 -5.84
C ASP A 368 11.07 9.66 -5.86
N LEU A 369 11.07 9.03 -4.69
CA LEU A 369 10.71 7.59 -4.61
C LEU A 369 9.30 7.25 -5.09
N ILE A 370 8.42 8.24 -5.23
CA ILE A 370 7.13 8.02 -5.89
C ILE A 370 7.21 7.49 -7.34
N VAL A 371 8.28 7.81 -8.05
CA VAL A 371 8.43 7.39 -9.43
C VAL A 371 8.57 5.86 -9.49
N PRO A 372 9.59 5.26 -8.84
CA PRO A 372 9.67 3.80 -8.86
C PRO A 372 8.54 3.10 -8.06
N GLY A 373 8.41 3.42 -6.77
CA GLY A 373 7.38 2.88 -5.88
C GLY A 373 5.88 2.96 -6.23
N ASP A 374 5.43 3.97 -6.99
CA ASP A 374 3.98 4.11 -7.35
C ASP A 374 3.66 4.23 -8.84
N VAL A 375 4.31 5.17 -9.53
CA VAL A 375 4.02 5.52 -10.95
C VAL A 375 4.27 4.36 -11.93
N TYR A 376 5.51 3.84 -11.94
CA TYR A 376 5.85 2.72 -12.82
C TYR A 376 5.29 1.42 -12.29
N ARG A 377 4.99 1.36 -11.01
CA ARG A 377 4.31 0.23 -10.45
C ARG A 377 2.87 0.15 -10.98
N VAL A 378 2.11 1.24 -10.92
CA VAL A 378 0.73 1.16 -11.36
C VAL A 378 0.64 1.07 -12.87
N MET A 379 1.59 1.70 -13.56
CA MET A 379 1.67 1.69 -15.04
C MET A 379 1.65 0.30 -15.57
N ALA A 380 2.42 -0.58 -14.95
CA ALA A 380 2.35 -2.03 -15.18
C ALA A 380 0.92 -2.56 -15.32
N VAL A 381 0.03 -2.23 -14.39
CA VAL A 381 -1.36 -2.76 -14.41
C VAL A 381 -2.41 -1.87 -15.11
N ASP A 382 -2.13 -0.59 -15.28
CA ASP A 382 -3.03 0.31 -16.04
C ASP A 382 -2.82 0.26 -17.60
N ALA A 383 -1.68 -0.28 -18.06
CA ALA A 383 -1.45 -0.54 -19.51
C ALA A 383 -1.96 -1.91 -20.00
N LEU A 384 -2.97 -2.46 -19.34
CA LEU A 384 -3.67 -3.66 -19.74
C LEU A 384 -5.11 -3.33 -20.12
N ALA A 385 -5.75 -4.22 -20.84
CA ALA A 385 -7.18 -4.03 -21.18
C ALA A 385 -8.11 -4.39 -20.01
N SER A 386 -7.63 -5.13 -19.02
CA SER A 386 -8.46 -5.50 -17.88
C SER A 386 -8.55 -4.40 -16.82
N SER A 387 -7.97 -3.24 -17.08
CA SER A 387 -7.95 -2.10 -16.15
C SER A 387 -9.31 -1.42 -16.12
N HIS A 388 -9.42 -0.33 -15.36
CA HIS A 388 -10.64 0.50 -15.26
C HIS A 388 -10.29 1.97 -14.93
N PRO A 389 -11.19 2.93 -15.28
CA PRO A 389 -10.95 4.31 -14.87
C PRO A 389 -11.05 4.53 -13.34
N LEU A 390 -10.42 5.60 -12.83
CA LEU A 390 -10.45 6.01 -11.40
C LEU A 390 -11.86 6.27 -10.88
N THR A 391 -12.68 6.94 -11.68
CA THR A 391 -14.07 7.20 -11.31
C THR A 391 -14.96 6.04 -11.70
N THR A 392 -15.86 5.65 -10.81
CA THR A 392 -16.99 4.79 -11.10
C THR A 392 -18.18 5.71 -10.88
N PRO A 393 -19.29 5.50 -11.61
CA PRO A 393 -20.45 6.24 -11.13
C PRO A 393 -20.91 5.70 -9.75
N ALA A 394 -21.31 6.62 -8.87
CA ALA A 394 -21.83 6.33 -7.53
C ALA A 394 -22.87 5.21 -7.46
N GLU A 395 -23.87 5.33 -8.30
CA GLU A 395 -24.97 4.38 -8.36
C GLU A 395 -24.56 3.00 -8.79
N GLU A 396 -23.33 2.77 -9.23
CA GLU A 396 -22.76 1.40 -9.38
C GLU A 396 -22.00 0.84 -8.14
N VAL A 397 -21.82 1.62 -7.07
CA VAL A 397 -21.16 1.12 -5.84
C VAL A 397 -22.17 1.14 -4.69
N ASN A 398 -22.71 -0.03 -4.33
CA ASN A 398 -23.82 -0.12 -3.38
C ASN A 398 -23.56 -1.14 -2.32
N THR A 399 -23.24 -2.36 -2.74
CA THR A 399 -23.06 -3.46 -1.81
C THR A 399 -21.74 -3.27 -1.09
N PRO A 400 -21.55 -4.00 0.01
CA PRO A 400 -20.26 -3.96 0.69
C PRO A 400 -19.12 -4.60 -0.11
N ALA A 401 -19.42 -5.63 -0.89
CA ALA A 401 -18.41 -6.26 -1.73
C ALA A 401 -17.97 -5.28 -2.80
N GLN A 402 -18.93 -4.52 -3.36
CA GLN A 402 -18.61 -3.50 -4.36
C GLN A 402 -17.77 -2.42 -3.78
N ILE A 403 -18.07 -2.05 -2.55
CA ILE A 403 -17.29 -1.05 -1.83
C ILE A 403 -15.84 -1.52 -1.65
N SER A 404 -15.64 -2.77 -1.26
CA SER A 404 -14.29 -3.33 -1.18
C SER A 404 -13.49 -3.31 -2.50
N GLU A 405 -14.16 -3.50 -3.63
CA GLU A 405 -13.45 -3.43 -4.92
C GLU A 405 -12.81 -2.06 -5.17
N MET A 406 -13.31 -1.00 -4.55
CA MET A 406 -12.65 0.35 -4.65
C MET A 406 -11.23 0.43 -4.10
N PHE A 407 -10.85 -0.52 -3.25
CA PHE A 407 -9.56 -0.47 -2.55
C PHE A 407 -8.53 -1.28 -3.31
N ASP A 408 -8.01 -0.65 -4.36
CA ASP A 408 -7.00 -1.30 -5.21
C ASP A 408 -5.86 -0.39 -5.69
N SER A 409 -4.97 -0.98 -6.47
CA SER A 409 -3.74 -0.38 -6.93
C SER A 409 -4.00 0.93 -7.72
N ILE A 410 -5.04 0.91 -8.56
CA ILE A 410 -5.47 2.08 -9.36
C ILE A 410 -5.87 3.22 -8.42
N SER A 411 -6.71 2.91 -7.43
CA SER A 411 -7.20 3.91 -6.49
C SER A 411 -6.06 4.57 -5.80
N TYR A 412 -5.15 3.76 -5.24
CA TYR A 412 -4.02 4.28 -4.48
C TYR A 412 -2.92 4.94 -5.38
N SER A 413 -2.32 4.15 -6.27
CA SER A 413 -1.15 4.61 -6.99
C SER A 413 -1.45 5.48 -8.19
N LYS A 414 -2.44 5.17 -9.01
CA LYS A 414 -2.77 6.11 -10.08
C LYS A 414 -3.37 7.38 -9.50
N GLY A 415 -4.16 7.25 -8.45
CA GLY A 415 -4.66 8.42 -7.72
C GLY A 415 -3.51 9.32 -7.33
N ALA A 416 -2.50 8.74 -6.67
CA ALA A 416 -1.33 9.52 -6.29
C ALA A 416 -0.61 10.11 -7.52
N SER A 417 -0.49 9.32 -8.58
CA SER A 417 0.18 9.76 -9.79
C SER A 417 -0.49 10.91 -10.53
N VAL A 418 -1.82 10.91 -10.68
CA VAL A 418 -2.47 12.02 -11.44
C VAL A 418 -2.60 13.28 -10.60
N ILE A 419 -2.54 13.11 -9.29
CA ILE A 419 -2.64 14.21 -8.37
C ILE A 419 -1.28 14.87 -8.27
N ARG A 420 -0.21 14.10 -8.34
CA ARG A 420 1.13 14.67 -8.43
C ARG A 420 1.26 15.47 -9.73
N MET A 421 0.73 14.92 -10.81
CA MET A 421 0.77 15.56 -12.09
C MET A 421 -0.02 16.82 -12.06
N LEU A 422 -1.15 16.77 -11.40
CA LEU A 422 -2.02 17.91 -11.32
C LEU A 422 -1.35 19.03 -10.60
N SER A 423 -0.70 18.70 -9.51
CA SER A 423 -0.06 19.68 -8.69
C SER A 423 1.05 20.37 -9.42
N ASN A 424 1.85 19.62 -10.16
CA ASN A 424 2.96 20.18 -10.90
C ASN A 424 2.61 21.13 -12.02
N PHE A 425 1.62 20.77 -12.81
CA PHE A 425 1.20 21.64 -13.89
C PHE A 425 0.59 22.95 -13.47
N LEU A 426 -0.18 22.92 -12.39
CA LEU A 426 -0.63 24.11 -11.67
C LEU A 426 0.47 24.86 -10.96
N THR A 427 1.39 24.11 -10.38
CA THR A 427 2.44 24.56 -9.47
C THR A 427 1.98 24.35 -8.04
N GLU A 428 2.92 24.10 -7.16
CA GLU A 428 2.57 23.73 -5.81
C GLU A 428 1.89 24.80 -5.05
N ASP A 429 2.30 26.03 -5.26
CA ASP A 429 1.74 27.15 -4.54
C ASP A 429 0.30 27.37 -4.87
N LEU A 430 -0.01 27.21 -6.13
CA LEU A 430 -1.36 27.26 -6.60
C LEU A 430 -2.16 26.08 -6.09
N PHE A 431 -1.54 24.92 -6.08
CA PHE A 431 -2.18 23.72 -5.62
C PHE A 431 -2.55 23.82 -4.16
N LYS A 432 -1.65 24.31 -3.35
CA LYS A 432 -1.94 24.51 -1.91
C LYS A 432 -3.01 25.58 -1.63
N GLU A 433 -3.14 26.57 -2.51
CA GLU A 433 -4.08 27.66 -2.29
C GLU A 433 -5.49 27.08 -2.35
N GLY A 434 -5.83 26.42 -3.45
CA GLY A 434 -7.13 25.77 -3.62
C GLY A 434 -7.36 24.55 -2.72
N LEU A 435 -6.28 23.92 -2.29
CA LEU A 435 -6.34 22.83 -1.34
C LEU A 435 -6.79 23.30 0.06
N ALA A 436 -6.24 24.41 0.52
CA ALA A 436 -6.71 25.05 1.75
C ALA A 436 -8.16 25.57 1.63
N SER A 437 -8.45 26.20 0.49
CA SER A 437 -9.77 26.75 0.21
C SER A 437 -10.85 25.66 0.31
N TYR A 438 -10.55 24.48 -0.23
CA TYR A 438 -11.38 23.28 -0.09
C TYR A 438 -11.60 22.84 1.42
N LEU A 439 -10.53 22.76 2.21
CA LEU A 439 -10.65 22.33 3.61
C LEU A 439 -11.44 23.33 4.46
N HIS A 440 -11.11 24.62 4.34
CA HIS A 440 -11.80 25.68 5.13
C HIS A 440 -13.26 25.67 4.81
N ALA A 441 -13.60 25.46 3.54
CA ALA A 441 -14.97 25.56 3.10
C ALA A 441 -15.78 24.32 3.47
N PHE A 442 -15.13 23.17 3.56
CA PHE A 442 -15.85 21.93 3.69
C PHE A 442 -15.62 21.23 5.04
N ALA A 443 -14.81 21.84 5.89
CA ALA A 443 -14.43 21.24 7.18
C ALA A 443 -15.65 20.73 7.91
N TYR A 444 -15.58 19.47 8.31
CA TYR A 444 -16.64 18.79 9.02
C TYR A 444 -17.86 18.44 8.19
N GLN A 445 -17.68 18.33 6.88
CA GLN A 445 -18.75 18.04 5.97
C GLN A 445 -18.29 17.08 4.89
N ASN A 446 -19.02 17.01 3.78
CA ASN A 446 -18.74 16.00 2.76
C ASN A 446 -18.59 16.58 1.35
N THR A 447 -17.82 15.88 0.51
CA THR A 447 -17.55 16.39 -0.83
C THR A 447 -17.47 15.35 -1.93
N THR A 448 -17.53 15.77 -3.20
CA THR A 448 -17.03 14.96 -4.32
C THR A 448 -15.72 15.54 -4.84
N TYR A 449 -15.07 14.79 -5.71
CA TYR A 449 -13.85 15.23 -6.40
C TYR A 449 -14.10 16.52 -7.21
N LEU A 450 -15.32 16.69 -7.77
CA LEU A 450 -15.74 17.97 -8.42
C LEU A 450 -15.60 19.18 -7.51
N ASP A 451 -15.86 19.04 -6.22
CA ASP A 451 -15.61 20.13 -5.27
C ASP A 451 -14.13 20.54 -5.19
N LEU A 452 -13.22 19.58 -5.09
CA LEU A 452 -11.80 19.93 -5.16
C LEU A 452 -11.41 20.66 -6.49
N TRP A 453 -11.94 20.22 -7.64
CA TRP A 453 -11.60 20.87 -8.92
C TRP A 453 -12.11 22.30 -8.95
N GLU A 454 -13.33 22.52 -8.48
CA GLU A 454 -13.96 23.84 -8.48
C GLU A 454 -13.10 24.83 -7.69
N HIS A 455 -12.60 24.39 -6.54
CA HIS A 455 -11.71 25.20 -5.72
C HIS A 455 -10.35 25.43 -6.34
N LEU A 456 -9.81 24.38 -6.97
CA LEU A 456 -8.59 24.50 -7.77
C LEU A 456 -8.75 25.45 -8.96
N GLN A 457 -9.90 25.39 -9.64
CA GLN A 457 -10.26 26.37 -10.68
C GLN A 457 -10.23 27.80 -10.14
N LYS A 458 -10.91 28.00 -9.02
CA LYS A 458 -10.99 29.30 -8.37
C LYS A 458 -9.60 29.95 -8.19
N ALA A 459 -8.60 29.15 -7.82
CA ALA A 459 -7.23 29.63 -7.60
C ALA A 459 -6.45 29.95 -8.91
N VAL A 460 -6.66 29.12 -9.92
CA VAL A 460 -6.15 29.39 -11.26
C VAL A 460 -6.78 30.65 -11.87
N ASP A 461 -8.11 30.77 -11.78
CA ASP A 461 -8.85 31.97 -12.22
C ASP A 461 -8.38 33.25 -11.54
N ALA A 462 -7.99 33.13 -10.27
CA ALA A 462 -7.48 34.25 -9.48
C ALA A 462 -6.01 34.62 -9.77
N GLN A 463 -5.41 34.07 -10.82
CA GLN A 463 -4.11 34.55 -11.28
C GLN A 463 -3.94 34.50 -12.82
N THR A 464 -2.80 35.03 -13.29
CA THR A 464 -2.45 35.20 -14.73
C THR A 464 -1.23 34.41 -15.19
N SER A 465 -0.27 34.19 -14.29
CA SER A 465 1.01 33.58 -14.62
C SER A 465 0.88 32.17 -15.26
N ILE A 466 0.12 31.28 -14.61
CA ILE A 466 -0.14 29.90 -15.06
C ILE A 466 -1.40 29.85 -15.93
N ARG A 467 -1.26 29.42 -17.19
CA ARG A 467 -2.39 29.33 -18.16
C ARG A 467 -2.58 27.89 -18.64
N LEU A 468 -3.84 27.52 -18.80
CA LEU A 468 -4.21 26.16 -19.08
C LEU A 468 -4.94 26.06 -20.41
N PRO A 469 -4.77 24.94 -21.14
CA PRO A 469 -5.53 24.78 -22.38
C PRO A 469 -7.03 24.72 -22.16
N ASP A 470 -7.45 24.33 -20.97
CA ASP A 470 -8.87 24.20 -20.64
C ASP A 470 -9.09 24.38 -19.13
N THR A 471 -10.33 24.22 -18.71
CA THR A 471 -10.63 24.20 -17.27
C THR A 471 -9.91 23.04 -16.58
N VAL A 472 -9.81 23.11 -15.25
CA VAL A 472 -9.22 22.01 -14.47
C VAL A 472 -10.08 20.78 -14.64
N ARG A 473 -11.41 20.92 -14.67
CA ARG A 473 -12.27 19.76 -14.80
C ARG A 473 -12.12 19.06 -16.13
N ALA A 474 -12.01 19.81 -17.22
CA ALA A 474 -11.94 19.19 -18.55
C ALA A 474 -10.67 18.35 -18.71
N ILE A 475 -9.55 18.92 -18.27
CA ILE A 475 -8.26 18.25 -18.28
C ILE A 475 -8.31 17.00 -17.43
N MET A 476 -8.71 17.15 -16.17
CA MET A 476 -8.75 16.02 -15.25
C MET A 476 -9.84 14.99 -15.61
N ASP A 477 -10.87 15.37 -16.39
CA ASP A 477 -11.83 14.38 -16.92
C ASP A 477 -11.13 13.34 -17.81
N ARG A 478 -10.07 13.74 -18.51
CA ARG A 478 -9.34 12.83 -19.40
C ARG A 478 -8.56 11.79 -18.59
N TRP A 479 -8.06 12.16 -17.40
CA TRP A 479 -7.29 11.26 -16.55
C TRP A 479 -8.14 10.46 -15.55
N THR A 480 -9.41 10.83 -15.41
CA THR A 480 -10.25 10.24 -14.39
C THR A 480 -11.43 9.39 -14.95
N LEU A 481 -11.98 9.75 -16.12
CA LEU A 481 -13.13 9.03 -16.70
C LEU A 481 -12.81 7.83 -17.59
N GLN A 482 -11.63 7.84 -18.22
CA GLN A 482 -11.15 6.73 -19.05
C GLN A 482 -9.93 6.04 -18.42
N MET A 483 -9.80 4.73 -18.67
CA MET A 483 -8.71 3.95 -18.11
C MET A 483 -7.43 4.17 -18.93
N GLY A 484 -6.29 3.87 -18.31
CA GLY A 484 -4.99 3.88 -18.96
C GLY A 484 -4.33 5.23 -19.09
N PHE A 485 -3.36 5.28 -20.00
CA PHE A 485 -2.59 6.48 -20.24
C PHE A 485 -1.96 6.42 -21.61
N PRO A 486 -1.56 7.58 -22.15
CA PRO A 486 -1.00 7.56 -23.50
C PRO A 486 0.48 7.22 -23.55
N VAL A 487 0.93 6.77 -24.73
CA VAL A 487 2.37 6.85 -25.11
C VAL A 487 2.53 8.00 -26.11
N ILE A 488 3.50 8.88 -25.84
CA ILE A 488 3.76 10.07 -26.66
C ILE A 488 4.97 9.81 -27.54
N THR A 489 4.75 9.74 -28.85
CA THR A 489 5.85 9.52 -29.80
C THR A 489 6.34 10.87 -30.38
N VAL A 490 7.66 11.04 -30.46
CA VAL A 490 8.29 12.28 -30.94
C VAL A 490 9.25 12.02 -32.12
N ASP A 491 8.90 12.52 -33.31
CA ASP A 491 9.84 12.49 -34.43
C ASP A 491 10.63 13.78 -34.46
N THR A 492 11.85 13.74 -33.94
CA THR A 492 12.64 14.94 -33.87
C THR A 492 13.17 15.45 -35.22
N LYS A 493 12.96 14.71 -36.31
CA LYS A 493 13.25 15.23 -37.67
C LYS A 493 12.32 16.41 -38.02
N THR A 494 10.99 16.17 -37.92
CA THR A 494 9.95 17.17 -38.22
C THR A 494 9.44 17.96 -37.00
N GLY A 495 9.76 17.46 -35.80
CA GLY A 495 9.07 17.91 -34.58
C GLY A 495 7.62 17.42 -34.47
N ASN A 496 7.25 16.36 -35.18
CA ASN A 496 5.90 15.83 -35.10
C ASN A 496 5.80 15.10 -33.77
N ILE A 497 4.60 15.15 -33.20
CA ILE A 497 4.33 14.54 -31.89
C ILE A 497 2.92 13.94 -31.93
N SER A 498 2.81 12.68 -31.48
CA SER A 498 1.52 12.00 -31.47
C SER A 498 1.16 11.38 -30.10
N GLN A 499 -0.07 10.85 -30.02
CA GLN A 499 -0.48 10.04 -28.88
C GLN A 499 -1.45 8.92 -29.17
N LYS A 500 -1.26 7.81 -28.45
CA LYS A 500 -2.23 6.73 -28.44
C LYS A 500 -2.18 5.96 -27.12
N HIS A 501 -3.34 5.42 -26.74
CA HIS A 501 -3.52 4.54 -25.58
C HIS A 501 -2.44 3.49 -25.61
N PHE A 502 -1.64 3.42 -24.55
CA PHE A 502 -0.52 2.51 -24.49
C PHE A 502 -0.97 1.23 -23.83
N LEU A 503 -0.62 0.12 -24.47
CA LEU A 503 -0.94 -1.22 -24.03
C LEU A 503 0.27 -2.06 -24.21
N LEU A 504 0.65 -2.80 -23.17
CA LEU A 504 1.84 -3.64 -23.26
C LEU A 504 1.71 -4.82 -24.21
N ASP A 505 0.48 -5.31 -24.40
CA ASP A 505 0.17 -6.33 -25.41
C ASP A 505 -0.32 -5.65 -26.71
N SER A 506 0.49 -5.70 -27.77
CA SER A 506 0.14 -5.04 -29.07
C SER A 506 -1.05 -5.69 -29.80
N GLU A 507 -1.33 -6.95 -29.48
CA GLU A 507 -2.51 -7.66 -29.97
C GLU A 507 -3.75 -7.56 -29.04
N SER A 508 -3.75 -6.63 -28.08
CA SER A 508 -4.88 -6.51 -27.13
C SER A 508 -6.13 -5.89 -27.76
N ASN A 509 -7.29 -6.35 -27.27
CA ASN A 509 -8.60 -5.83 -27.66
C ASN A 509 -9.23 -5.12 -26.47
N VAL A 510 -9.07 -3.81 -26.48
CA VAL A 510 -9.77 -2.93 -25.56
C VAL A 510 -11.24 -3.02 -25.90
N THR A 511 -12.03 -3.49 -24.95
CA THR A 511 -13.48 -3.60 -25.10
C THR A 511 -14.20 -2.41 -24.44
N ARG A 512 -13.65 -1.92 -23.32
CA ARG A 512 -14.15 -0.71 -22.65
C ARG A 512 -13.97 0.54 -23.50
N SER A 513 -15.04 1.29 -23.70
CA SER A 513 -15.02 2.43 -24.58
C SER A 513 -15.04 3.68 -23.75
N SER A 514 -14.37 4.71 -24.25
CA SER A 514 -14.21 5.98 -23.58
C SER A 514 -15.00 7.04 -24.30
N ALA A 515 -15.71 7.88 -23.56
CA ALA A 515 -16.28 9.12 -24.12
C ALA A 515 -15.31 9.89 -25.04
N PHE A 516 -14.01 9.85 -24.73
CA PHE A 516 -13.01 10.65 -25.42
C PHE A 516 -12.16 9.88 -26.45
N ASP A 517 -12.49 8.62 -26.71
CA ASP A 517 -11.72 7.77 -27.63
C ASP A 517 -10.23 7.86 -27.32
N TYR A 518 -9.89 7.50 -26.08
CA TYR A 518 -8.49 7.43 -25.59
C TYR A 518 -7.60 8.52 -26.18
N LEU A 519 -8.09 9.75 -26.10
CA LEU A 519 -7.29 10.96 -26.32
C LEU A 519 -7.20 11.79 -25.02
N TRP A 520 -5.99 12.21 -24.67
CA TRP A 520 -5.75 12.99 -23.45
C TRP A 520 -5.39 14.44 -23.75
N ILE A 521 -5.41 15.27 -22.71
CA ILE A 521 -4.80 16.60 -22.68
C ILE A 521 -3.57 16.46 -21.77
N VAL A 522 -2.39 16.63 -22.35
CA VAL A 522 -1.16 16.15 -21.76
C VAL A 522 -0.14 17.28 -21.53
N PRO A 523 0.32 17.49 -20.27
CA PRO A 523 1.38 18.45 -19.98
C PRO A 523 2.75 17.91 -20.34
N ILE A 524 3.42 18.56 -21.28
CA ILE A 524 4.74 18.12 -21.75
C ILE A 524 5.81 19.15 -21.38
N SER A 525 6.61 18.80 -20.37
CA SER A 525 7.82 19.54 -20.07
C SER A 525 8.91 18.87 -20.87
N SER A 526 9.96 19.64 -21.19
CA SER A 526 11.00 19.27 -22.17
C SER A 526 12.34 19.93 -21.85
N ILE A 527 13.40 19.24 -22.25
CA ILE A 527 14.77 19.66 -22.00
C ILE A 527 15.44 19.54 -23.40
N LYS A 528 16.24 20.54 -23.80
CA LYS A 528 16.98 20.52 -25.10
C LYS A 528 18.47 20.76 -24.83
N ASN A 529 19.31 19.77 -25.13
CA ASN A 529 20.74 19.80 -24.80
C ASN A 529 21.06 20.08 -23.32
N GLY A 530 20.14 19.72 -22.41
CA GLY A 530 20.35 19.90 -20.97
C GLY A 530 19.75 21.14 -20.36
N VAL A 531 18.88 21.79 -21.14
CA VAL A 531 18.40 23.13 -20.84
C VAL A 531 16.88 23.16 -21.01
N MET A 532 16.19 23.57 -19.94
CA MET A 532 14.72 23.69 -19.93
C MET A 532 14.19 24.55 -21.08
N GLN A 533 13.11 24.09 -21.70
CA GLN A 533 12.41 24.82 -22.75
C GLN A 533 11.08 25.33 -22.22
N ASP A 534 10.33 26.01 -23.07
CA ASP A 534 8.93 26.31 -22.81
C ASP A 534 8.15 25.02 -22.55
N HIS A 535 7.20 25.13 -21.64
CA HIS A 535 6.23 24.10 -21.38
C HIS A 535 5.21 24.06 -22.55
N TYR A 536 4.66 22.89 -22.80
CA TYR A 536 3.79 22.65 -23.93
C TYR A 536 2.61 21.73 -23.55
N TRP A 537 1.45 21.99 -24.16
CA TRP A 537 0.26 21.18 -23.95
C TRP A 537 -0.17 20.53 -25.28
N LEU A 538 -0.19 19.21 -25.27
CA LEU A 538 -0.76 18.45 -26.35
C LEU A 538 -2.25 18.30 -26.10
N ARG A 539 -3.04 18.75 -27.05
CA ARG A 539 -4.48 18.76 -26.95
C ARG A 539 -5.06 17.43 -27.33
N ASP A 540 -6.38 17.35 -27.35
CA ASP A 540 -7.02 16.07 -27.56
C ASP A 540 -7.02 15.73 -29.03
N VAL A 541 -5.84 15.46 -29.55
CA VAL A 541 -5.68 15.10 -30.92
C VAL A 541 -4.62 14.04 -31.03
N SER A 542 -4.72 13.16 -32.02
CA SER A 542 -3.71 12.16 -32.26
C SER A 542 -2.38 12.70 -32.69
N GLN A 543 -2.40 13.71 -33.54
CA GLN A 543 -1.18 14.23 -34.13
C GLN A 543 -1.05 15.72 -34.00
N ALA A 544 0.16 16.19 -33.72
CA ALA A 544 0.42 17.61 -33.69
C ALA A 544 1.85 17.90 -34.07
N GLN A 545 2.13 19.15 -34.41
CA GLN A 545 3.48 19.56 -34.67
C GLN A 545 3.90 20.82 -33.94
N ASN A 546 5.07 20.78 -33.33
CA ASN A 546 5.70 21.95 -32.68
C ASN A 546 7.24 21.95 -32.82
N ASP A 547 7.79 23.13 -33.05
CA ASP A 547 9.25 23.32 -33.20
C ASP A 547 10.05 23.09 -31.92
N LEU A 548 9.39 23.02 -30.77
CA LEU A 548 10.04 22.60 -29.52
C LEU A 548 10.73 21.25 -29.63
N PHE A 549 10.15 20.38 -30.47
CA PHE A 549 10.57 18.99 -30.61
C PHE A 549 11.42 18.72 -31.87
N LYS A 550 11.62 19.73 -32.71
CA LYS A 550 12.49 19.62 -33.89
C LYS A 550 13.98 19.78 -33.49
N THR A 551 14.78 18.75 -33.79
CA THR A 551 16.22 18.69 -33.46
C THR A 551 17.08 19.06 -34.68
N ALA A 552 18.25 19.60 -34.40
CA ALA A 552 19.35 19.62 -35.37
C ALA A 552 20.07 18.26 -35.41
N SER A 553 20.94 18.16 -36.40
CA SER A 553 21.83 17.02 -36.62
C SER A 553 22.55 16.55 -35.33
N ASP A 554 23.00 17.53 -34.53
CA ASP A 554 23.77 17.28 -33.29
C ASP A 554 23.11 17.87 -31.99
N ASP A 555 21.82 18.18 -32.05
CA ASP A 555 21.02 18.44 -30.84
C ASP A 555 20.25 17.17 -30.43
N TRP A 556 19.77 17.16 -29.19
CA TRP A 556 18.81 16.18 -28.70
C TRP A 556 17.72 16.82 -27.82
N VAL A 557 16.69 16.05 -27.56
CA VAL A 557 15.50 16.53 -26.86
C VAL A 557 14.97 15.38 -26.02
N LEU A 558 14.48 15.70 -24.83
CA LEU A 558 13.98 14.70 -23.88
C LEU A 558 12.69 15.19 -23.21
N LEU A 559 11.71 14.31 -23.02
CA LEU A 559 10.37 14.71 -22.60
C LEU A 559 10.02 14.24 -21.19
N ASN A 560 9.05 14.88 -20.58
CA ASN A 560 8.59 14.54 -19.24
C ASN A 560 9.66 14.60 -18.20
N ILE A 561 10.07 15.80 -17.82
CA ILE A 561 11.10 15.97 -16.83
C ILE A 561 10.62 15.48 -15.49
N ASN A 562 11.48 14.79 -14.79
CA ASN A 562 11.18 14.26 -13.50
C ASN A 562 9.90 13.40 -13.51
N VAL A 563 9.45 12.98 -14.69
CA VAL A 563 8.28 12.07 -14.82
C VAL A 563 7.12 12.49 -13.92
N THR A 564 6.83 13.78 -13.99
CA THR A 564 5.66 14.36 -13.34
C THR A 564 4.40 13.97 -14.12
N GLY A 565 4.50 13.94 -15.46
CA GLY A 565 3.41 13.44 -16.32
C GLY A 565 3.14 11.93 -16.28
N TYR A 566 1.87 11.53 -16.29
CA TYR A 566 1.49 10.12 -16.28
C TYR A 566 1.37 9.61 -17.72
N PHE A 567 2.52 9.47 -18.33
CA PHE A 567 2.63 8.89 -19.66
C PHE A 567 4.06 8.38 -19.88
N GLN A 568 4.22 7.63 -20.95
CA GLN A 568 5.55 7.19 -21.37
C GLN A 568 5.96 7.84 -22.71
N VAL A 569 7.26 7.88 -22.96
CA VAL A 569 7.76 8.59 -24.11
C VAL A 569 8.61 7.69 -25.01
N ASN A 570 8.27 7.71 -26.30
CA ASN A 570 9.08 7.13 -27.36
C ASN A 570 9.54 8.17 -28.40
N TYR A 571 10.84 8.21 -28.69
CA TYR A 571 11.39 9.08 -29.73
C TYR A 571 11.86 8.19 -30.87
N ASP A 572 12.08 8.79 -32.04
CA ASP A 572 12.78 8.14 -33.17
C ASP A 572 14.23 7.65 -32.81
N GLU A 573 14.77 6.71 -33.60
CA GLU A 573 16.04 6.05 -33.24
C GLU A 573 17.24 6.99 -33.11
N ASP A 574 17.27 8.04 -33.93
CA ASP A 574 18.39 9.02 -33.90
C ASP A 574 18.49 9.76 -32.55
N ASN A 575 17.34 10.25 -32.08
CA ASN A 575 17.28 10.90 -30.76
C ASN A 575 17.56 9.95 -29.60
N TRP A 576 17.06 8.72 -29.65
CA TRP A 576 17.48 7.71 -28.68
C TRP A 576 19.03 7.60 -28.61
N ARG A 577 19.69 7.57 -29.77
CA ARG A 577 21.15 7.42 -29.79
C ARG A 577 21.84 8.66 -29.21
N MET A 578 21.38 9.85 -29.56
CA MET A 578 21.96 11.11 -29.04
C MET A 578 21.89 11.12 -27.49
N ILE A 579 20.73 10.72 -26.97
CA ILE A 579 20.52 10.55 -25.53
C ILE A 579 21.46 9.47 -25.00
N GLN A 580 21.56 8.34 -25.70
CA GLN A 580 22.54 7.30 -25.32
C GLN A 580 23.97 7.85 -25.26
N HIS A 581 24.43 8.56 -26.30
CA HIS A 581 25.79 9.15 -26.29
C HIS A 581 25.89 10.12 -25.12
N GLN A 582 24.91 10.99 -24.96
CA GLN A 582 24.94 11.97 -23.88
C GLN A 582 25.16 11.34 -22.50
N LEU A 583 24.44 10.27 -22.21
CA LEU A 583 24.53 9.61 -20.93
C LEU A 583 25.85 8.89 -20.72
N GLN A 584 26.33 8.23 -21.79
CA GLN A 584 27.68 7.63 -21.83
C GLN A 584 28.84 8.65 -21.67
N THR A 585 28.69 9.90 -22.14
CA THR A 585 29.76 10.92 -22.02
C THR A 585 29.68 11.92 -20.83
N ASN A 586 28.50 12.49 -20.54
CA ASN A 586 28.29 13.35 -19.33
C ASN A 586 26.85 13.16 -18.84
N LEU A 587 26.66 12.16 -17.99
CA LEU A 587 25.33 11.82 -17.44
C LEU A 587 24.67 12.95 -16.62
N SER A 588 25.47 13.84 -16.03
CA SER A 588 24.93 14.96 -15.22
C SER A 588 24.07 16.01 -15.92
N VAL A 589 24.03 16.00 -17.25
CA VAL A 589 23.23 16.95 -18.00
C VAL A 589 21.76 16.52 -18.03
N ILE A 590 21.51 15.24 -17.77
CA ILE A 590 20.15 14.69 -17.76
C ILE A 590 19.82 14.43 -16.29
N PRO A 591 18.64 14.87 -15.81
CA PRO A 591 18.32 14.71 -14.39
C PRO A 591 18.13 13.25 -14.05
N VAL A 592 18.41 12.91 -12.80
CA VAL A 592 18.47 11.51 -12.38
C VAL A 592 17.15 10.67 -12.52
N ILE A 593 15.99 11.27 -12.34
CA ILE A 593 14.74 10.55 -12.61
C ILE A 593 14.64 10.19 -14.07
N ASN A 594 15.03 11.09 -14.95
CA ASN A 594 14.93 10.80 -16.38
C ASN A 594 15.96 9.81 -16.93
N ARG A 595 17.06 9.64 -16.21
CA ARG A 595 18.01 8.56 -16.52
C ARG A 595 17.38 7.23 -16.22
N ALA A 596 16.56 7.17 -15.18
CA ALA A 596 15.69 6.02 -14.93
C ALA A 596 14.54 5.89 -15.95
N GLN A 597 13.89 7.00 -16.30
CA GLN A 597 12.75 7.00 -17.24
C GLN A 597 13.10 6.28 -18.52
N VAL A 598 14.10 6.82 -19.23
CA VAL A 598 14.74 6.24 -20.44
C VAL A 598 14.89 4.71 -20.39
N ILE A 599 15.39 4.18 -19.27
CA ILE A 599 15.34 2.75 -19.00
C ILE A 599 13.88 2.20 -18.88
N TYR A 600 13.12 2.53 -17.82
CA TYR A 600 11.77 1.94 -17.61
C TYR A 600 10.91 1.97 -18.85
N ASP A 601 10.79 3.17 -19.43
CA ASP A 601 9.98 3.40 -20.63
C ASP A 601 10.40 2.54 -21.84
N SER A 602 11.69 2.51 -22.19
CA SER A 602 12.12 1.71 -23.34
C SER A 602 11.83 0.21 -23.14
N PHE A 603 12.01 -0.33 -21.94
CA PHE A 603 11.67 -1.76 -21.74
C PHE A 603 10.18 -2.04 -21.95
N ASN A 604 9.33 -1.10 -21.56
CA ASN A 604 7.89 -1.21 -21.78
C ASN A 604 7.57 -1.06 -23.26
N LEU A 605 8.22 -0.09 -23.91
CA LEU A 605 8.06 0.12 -25.35
C LEU A 605 8.51 -1.10 -26.15
N ALA A 606 9.51 -1.82 -25.62
CA ALA A 606 9.97 -3.10 -26.20
C ALA A 606 8.95 -4.23 -26.07
N THR A 607 8.49 -4.50 -24.86
CA THR A 607 7.36 -5.41 -24.62
C THR A 607 6.17 -5.16 -25.54
N ALA A 608 5.95 -3.89 -25.88
CA ALA A 608 4.86 -3.46 -26.78
C ALA A 608 5.17 -3.55 -28.27
N HIS A 609 6.38 -3.96 -28.63
CA HIS A 609 6.86 -4.00 -30.05
C HIS A 609 6.84 -2.60 -30.73
N MET A 610 7.22 -1.56 -29.98
CA MET A 610 7.33 -0.17 -30.48
C MET A 610 8.76 0.29 -30.56
N VAL A 611 9.64 -0.44 -29.90
CA VAL A 611 11.03 -0.40 -30.20
C VAL A 611 11.49 -1.87 -30.23
N PRO A 612 12.61 -2.13 -30.91
CA PRO A 612 13.30 -3.40 -30.67
C PRO A 612 13.84 -3.53 -29.24
N VAL A 613 13.76 -4.73 -28.66
CA VAL A 613 14.34 -5.00 -27.34
C VAL A 613 15.86 -4.70 -27.20
N THR A 614 16.62 -4.74 -28.29
CA THR A 614 18.04 -4.36 -28.23
C THR A 614 18.21 -2.89 -27.84
N LEU A 615 17.26 -2.05 -28.24
CA LEU A 615 17.27 -0.62 -27.91
C LEU A 615 17.12 -0.37 -26.39
N ALA A 616 16.22 -1.15 -25.77
CA ALA A 616 16.07 -1.19 -24.33
C ALA A 616 17.38 -1.56 -23.63
N LEU A 617 18.05 -2.58 -24.16
CA LEU A 617 19.29 -3.04 -23.56
C LEU A 617 20.43 -2.05 -23.77
N ASP A 618 20.43 -1.32 -24.90
CA ASP A 618 21.40 -0.22 -25.15
C ASP A 618 21.30 0.89 -24.10
N ASN A 619 20.08 1.17 -23.63
CA ASN A 619 19.86 2.20 -22.62
C ASN A 619 20.41 1.84 -21.24
N THR A 620 20.75 0.57 -21.00
CA THR A 620 21.47 0.18 -19.78
C THR A 620 22.97 0.40 -19.88
N LEU A 621 23.50 0.69 -21.09
CA LEU A 621 24.96 0.70 -21.31
C LEU A 621 25.70 1.72 -20.45
N PHE A 622 25.14 2.93 -20.33
CA PHE A 622 25.75 3.99 -19.52
C PHE A 622 25.95 3.69 -18.03
N LEU A 623 25.37 2.61 -17.51
CA LEU A 623 25.32 2.36 -16.05
C LEU A 623 26.65 2.14 -15.37
N ASN A 624 27.66 1.63 -16.08
CA ASN A 624 29.03 1.53 -15.54
C ASN A 624 29.59 2.85 -14.97
N GLY A 625 29.06 3.99 -15.44
CA GLY A 625 29.38 5.31 -14.90
C GLY A 625 28.41 5.91 -13.89
N GLU A 626 27.38 5.16 -13.48
CA GLU A 626 26.23 5.71 -12.76
C GLU A 626 26.29 5.43 -11.26
N LYS A 627 26.32 6.51 -10.47
CA LYS A 627 26.46 6.42 -9.02
C LYS A 627 25.13 6.36 -8.26
N GLU A 628 24.02 6.66 -8.93
CA GLU A 628 22.74 6.92 -8.26
C GLU A 628 21.82 5.71 -8.17
N TYR A 629 20.96 5.70 -7.13
CA TYR A 629 19.94 4.66 -6.92
C TYR A 629 19.10 4.31 -8.12
N MET A 630 18.45 5.31 -8.66
CA MET A 630 17.24 5.11 -9.43
C MET A 630 17.46 4.55 -10.83
N PRO A 631 18.49 5.05 -11.54
CA PRO A 631 18.81 4.35 -12.78
C PRO A 631 19.09 2.86 -12.58
N TRP A 632 19.90 2.52 -11.58
CA TRP A 632 20.24 1.12 -11.29
C TRP A 632 19.01 0.32 -10.96
N GLN A 633 18.15 0.90 -10.13
CA GLN A 633 16.84 0.30 -9.81
C GLN A 633 15.98 0.05 -11.04
N ALA A 634 15.88 1.02 -11.94
CA ALA A 634 15.11 0.83 -13.16
C ALA A 634 15.62 -0.39 -13.97
N ALA A 635 16.92 -0.44 -14.20
CA ALA A 635 17.53 -1.58 -14.89
C ALA A 635 17.28 -2.92 -14.13
N LEU A 636 17.53 -2.97 -12.84
CA LEU A 636 17.26 -4.20 -12.12
C LEU A 636 15.78 -4.64 -12.19
N SER A 637 14.82 -3.72 -12.09
CA SER A 637 13.38 -4.12 -12.13
C SER A 637 12.98 -4.62 -13.51
N SER A 638 13.31 -3.82 -14.53
CA SER A 638 13.12 -4.18 -15.94
C SER A 638 13.78 -5.51 -16.34
N LEU A 639 14.95 -5.83 -15.76
CA LEU A 639 15.70 -7.06 -16.09
C LEU A 639 15.35 -8.27 -15.26
N SER A 640 14.48 -8.16 -14.27
CA SER A 640 14.24 -9.32 -13.38
C SER A 640 13.41 -10.42 -14.08
N TYR A 641 12.51 -9.99 -14.99
CA TYR A 641 11.75 -10.93 -15.84
C TYR A 641 12.69 -11.70 -16.77
N PHE A 642 13.70 -10.99 -17.32
CA PHE A 642 14.72 -11.61 -18.18
C PHE A 642 15.35 -12.74 -17.40
N SER A 643 15.87 -12.39 -16.23
CA SER A 643 16.47 -13.34 -15.31
C SER A 643 15.52 -14.49 -14.92
N LEU A 644 14.24 -14.21 -14.85
CA LEU A 644 13.29 -15.24 -14.51
C LEU A 644 13.18 -16.29 -15.63
N MET A 645 13.05 -15.81 -16.87
CA MET A 645 13.01 -16.67 -18.05
C MET A 645 14.33 -17.36 -18.36
N PHE A 646 15.46 -16.68 -18.19
CA PHE A 646 16.76 -17.19 -18.69
C PHE A 646 17.75 -17.74 -17.66
N ASP A 647 17.48 -17.66 -16.37
CA ASP A 647 18.53 -18.08 -15.39
C ASP A 647 18.90 -19.58 -15.40
N ARG A 648 18.16 -20.39 -16.16
CA ARG A 648 18.49 -21.80 -16.41
C ARG A 648 18.84 -22.12 -17.85
N SER A 649 19.21 -21.10 -18.63
CA SER A 649 19.50 -21.25 -20.04
C SER A 649 20.88 -20.73 -20.32
N GLU A 650 21.35 -21.02 -21.54
CA GLU A 650 22.61 -20.50 -22.09
C GLU A 650 22.82 -18.99 -21.96
N VAL A 651 21.71 -18.23 -21.85
CA VAL A 651 21.75 -16.77 -21.81
C VAL A 651 22.32 -16.24 -20.50
N TYR A 652 22.18 -16.98 -19.40
CA TYR A 652 22.58 -16.48 -18.08
C TYR A 652 24.07 -16.15 -17.94
N GLY A 653 24.93 -16.85 -18.66
CA GLY A 653 26.36 -16.56 -18.62
C GLY A 653 26.74 -15.18 -19.13
N PRO A 654 26.40 -14.89 -20.40
CA PRO A 654 26.63 -13.55 -20.96
C PRO A 654 25.90 -12.45 -20.21
N MET A 655 24.70 -12.73 -19.71
CA MET A 655 23.97 -11.77 -18.87
C MET A 655 24.72 -11.44 -17.54
N LYS A 656 24.96 -12.42 -16.67
CA LYS A 656 25.76 -12.20 -15.46
C LYS A 656 27.09 -11.50 -15.71
N LYS A 657 27.73 -11.82 -16.82
CA LYS A 657 29.06 -11.26 -17.14
C LYS A 657 28.92 -9.77 -17.47
N TYR A 658 27.84 -9.42 -18.17
CA TYR A 658 27.52 -8.03 -18.47
C TYR A 658 27.19 -7.18 -17.23
N LEU A 659 26.43 -7.74 -16.31
CA LEU A 659 26.14 -7.05 -15.06
C LEU A 659 27.39 -7.01 -14.17
N ARG A 660 28.24 -8.03 -14.20
CA ARG A 660 29.56 -8.00 -13.50
C ARG A 660 30.40 -6.81 -13.95
N LYS A 661 30.41 -6.60 -15.27
CA LYS A 661 31.17 -5.53 -15.92
C LYS A 661 30.59 -4.15 -15.59
N GLN A 662 29.27 -4.01 -15.59
CA GLN A 662 28.62 -2.71 -15.33
C GLN A 662 28.66 -2.25 -13.86
N VAL A 663 28.54 -3.20 -12.94
CA VAL A 663 28.45 -2.92 -11.52
C VAL A 663 29.82 -2.84 -10.82
N GLU A 664 30.87 -3.40 -11.42
CA GLU A 664 32.20 -3.40 -10.78
C GLU A 664 32.72 -2.00 -10.39
N PRO A 665 32.74 -1.00 -11.33
CA PRO A 665 33.12 0.39 -10.97
C PRO A 665 32.35 0.96 -9.76
N LEU A 666 31.05 0.69 -9.75
CA LEU A 666 30.17 1.07 -8.65
C LEU A 666 30.47 0.33 -7.33
N PHE A 667 30.93 -0.90 -7.42
CA PHE A 667 31.41 -1.61 -6.25
C PHE A 667 32.74 -1.01 -5.73
N GLN A 668 33.64 -0.66 -6.65
CA GLN A 668 34.94 -0.05 -6.28
C GLN A 668 34.69 1.28 -5.56
N HIS A 669 33.86 2.12 -6.19
CA HIS A 669 33.37 3.38 -5.59
C HIS A 669 32.94 3.24 -4.11
N PHE A 670 32.11 2.24 -3.81
CA PHE A 670 31.63 2.07 -2.44
C PHE A 670 32.68 1.41 -1.55
N GLU A 671 33.58 0.61 -2.10
CA GLU A 671 34.70 0.11 -1.31
C GLU A 671 35.48 1.32 -0.77
N THR A 672 35.83 2.25 -1.68
CA THR A 672 36.47 3.51 -1.27
C THR A 672 35.57 4.35 -0.34
N LEU A 673 34.44 4.82 -0.88
CA LEU A 673 33.59 5.79 -0.16
C LEU A 673 33.29 5.37 1.27
N THR A 674 32.95 4.11 1.47
CA THR A 674 32.65 3.56 2.80
C THR A 674 33.88 3.24 3.66
N LYS A 675 35.08 3.29 3.07
CA LYS A 675 36.35 2.95 3.75
C LYS A 675 36.32 1.48 4.18
N ASN A 676 36.40 0.61 3.17
CA ASN A 676 36.34 -0.86 3.31
C ASN A 676 35.12 -1.38 4.14
N TRP A 677 33.94 -0.83 3.82
CA TRP A 677 32.62 -1.33 4.28
C TRP A 677 32.36 -1.17 5.80
N THR A 678 33.06 -0.20 6.39
CA THR A 678 33.04 0.07 7.82
C THR A 678 32.08 1.18 8.27
N GLU A 679 31.67 2.04 7.32
CA GLU A 679 30.76 3.15 7.62
C GLU A 679 29.90 3.50 6.41
N ARG A 680 28.63 3.80 6.67
CA ARG A 680 27.62 3.86 5.62
C ARG A 680 27.64 5.20 4.95
N PRO A 681 27.16 5.28 3.70
CA PRO A 681 27.00 6.58 3.03
C PRO A 681 26.06 7.57 3.74
N GLU A 682 26.21 8.83 3.39
CA GLU A 682 25.54 9.93 4.09
C GLU A 682 24.03 9.80 4.05
N ASN A 683 23.41 10.02 2.87
CA ASN A 683 21.95 10.07 2.72
C ASN A 683 21.32 8.73 2.27
N LEU A 684 19.99 8.70 2.27
CA LEU A 684 19.21 7.52 1.90
C LEU A 684 19.52 7.05 0.48
N MET A 685 19.37 7.93 -0.51
CA MET A 685 19.62 7.56 -1.90
C MET A 685 20.94 6.82 -2.08
N ASP A 686 21.99 7.25 -1.40
CA ASP A 686 23.30 6.60 -1.57
C ASP A 686 23.40 5.28 -0.83
N GLN A 687 22.86 5.18 0.37
CA GLN A 687 22.70 3.85 1.00
C GLN A 687 21.91 2.87 0.14
N TYR A 688 20.89 3.37 -0.57
CA TYR A 688 20.10 2.51 -1.47
C TYR A 688 20.96 2.01 -2.62
N SER A 689 21.69 2.92 -3.24
CA SER A 689 22.56 2.58 -4.36
C SER A 689 23.54 1.51 -3.89
N GLU A 690 24.11 1.71 -2.70
CA GLU A 690 25.06 0.79 -2.12
C GLU A 690 24.44 -0.58 -1.90
N ILE A 691 23.33 -0.65 -1.17
CA ILE A 691 22.61 -1.92 -0.95
C ILE A 691 22.45 -2.67 -2.28
N ASN A 692 21.98 -1.95 -3.31
CA ASN A 692 21.83 -2.50 -4.68
C ASN A 692 23.14 -2.95 -5.34
N ALA A 693 24.18 -2.12 -5.30
CA ALA A 693 25.46 -2.54 -5.88
C ALA A 693 25.97 -3.85 -5.21
N ILE A 694 25.90 -3.95 -3.89
CA ILE A 694 26.32 -5.16 -3.24
C ILE A 694 25.43 -6.33 -3.64
N SER A 695 24.13 -6.18 -3.52
CA SER A 695 23.19 -7.19 -4.02
C SER A 695 23.53 -7.63 -5.44
N THR A 696 23.69 -6.65 -6.36
CA THR A 696 23.87 -6.97 -7.78
C THR A 696 25.22 -7.61 -8.08
N ALA A 697 26.28 -7.14 -7.42
CA ALA A 697 27.58 -7.79 -7.48
C ALA A 697 27.49 -9.26 -7.03
N CYS A 698 26.98 -9.48 -5.83
CA CYS A 698 26.98 -10.83 -5.27
C CYS A 698 26.21 -11.85 -6.10
N SER A 699 25.02 -11.50 -6.58
CA SER A 699 24.20 -12.47 -7.34
C SER A 699 24.74 -12.74 -8.76
N ASN A 700 25.40 -11.75 -9.35
CA ASN A 700 26.07 -11.96 -10.62
C ASN A 700 27.47 -12.55 -10.48
N GLY A 701 27.89 -12.89 -9.27
CA GLY A 701 29.14 -13.61 -9.06
C GLY A 701 30.39 -12.81 -9.31
N LEU A 702 30.44 -11.55 -8.88
CA LEU A 702 31.70 -10.79 -8.87
C LEU A 702 32.59 -11.33 -7.71
N PRO A 703 33.89 -11.64 -7.98
CA PRO A 703 34.76 -12.25 -6.93
C PRO A 703 34.92 -11.43 -5.64
N GLN A 704 34.91 -10.10 -5.76
CA GLN A 704 35.15 -9.22 -4.62
C GLN A 704 33.98 -9.13 -3.62
N CYS A 705 32.74 -9.12 -4.11
CA CYS A 705 31.55 -9.16 -3.23
C CYS A 705 31.46 -10.54 -2.59
N GLU A 706 31.69 -11.58 -3.38
CA GLU A 706 31.76 -12.95 -2.87
C GLU A 706 32.74 -13.14 -1.69
N ASN A 707 33.90 -12.48 -1.81
CA ASN A 707 34.95 -12.56 -0.80
C ASN A 707 34.52 -11.78 0.47
N LEU A 708 34.04 -10.56 0.25
CA LEU A 708 33.49 -9.69 1.29
C LEU A 708 32.46 -10.37 2.20
N ALA A 709 31.61 -11.19 1.58
CA ALA A 709 30.55 -11.88 2.30
C ALA A 709 31.09 -12.97 3.18
N LYS A 710 31.91 -13.85 2.59
CA LYS A 710 32.55 -14.98 3.31
C LYS A 710 33.30 -14.50 4.55
N THR A 711 34.04 -13.40 4.38
CA THR A 711 34.75 -12.75 5.47
C THR A 711 33.76 -12.42 6.57
N LEU A 712 32.85 -11.48 6.27
CA LEU A 712 31.99 -10.92 7.30
C LEU A 712 31.20 -11.97 8.06
N PHE A 713 30.73 -12.99 7.33
CA PHE A 713 29.95 -14.08 7.92
C PHE A 713 30.83 -15.00 8.77
N ASP A 714 32.11 -15.13 8.42
CA ASP A 714 33.09 -15.84 9.27
C ASP A 714 33.35 -15.06 10.56
N GLN A 715 33.57 -13.74 10.47
CA GLN A 715 33.75 -12.90 11.67
C GLN A 715 32.57 -13.06 12.60
N TRP A 716 31.37 -13.16 12.04
CA TRP A 716 30.17 -13.33 12.84
C TRP A 716 30.12 -14.73 13.50
N MET A 717 30.59 -15.75 12.82
CA MET A 717 30.51 -17.13 13.35
C MET A 717 31.46 -17.39 14.51
N SER A 718 32.64 -16.78 14.47
CA SER A 718 33.57 -16.84 15.59
C SER A 718 33.12 -15.96 16.77
N ASP A 719 32.22 -14.99 16.55
CA ASP A 719 31.61 -14.16 17.62
C ASP A 719 30.06 -13.93 17.47
N PRO A 720 29.25 -14.95 17.79
CA PRO A 720 27.78 -14.89 17.63
C PRO A 720 27.05 -13.68 18.21
N GLU A 721 27.55 -13.10 19.30
CA GLU A 721 26.82 -12.05 20.00
C GLU A 721 27.08 -10.65 19.46
N ASN A 722 28.10 -10.51 18.61
CA ASN A 722 28.52 -9.21 18.01
C ASN A 722 28.53 -9.29 16.51
N ASN A 723 27.37 -8.96 15.92
CA ASN A 723 27.13 -9.10 14.50
C ASN A 723 27.79 -7.90 13.80
N PRO A 724 28.80 -8.15 12.94
CA PRO A 724 29.55 -7.08 12.27
C PRO A 724 29.00 -6.64 10.90
N ILE A 725 27.88 -7.21 10.47
CA ILE A 725 27.29 -6.85 9.18
C ILE A 725 26.25 -5.79 9.47
N HIS A 726 26.38 -4.65 8.81
CA HIS A 726 25.39 -3.60 8.98
C HIS A 726 24.03 -4.17 8.56
N PRO A 727 22.93 -3.78 9.24
CA PRO A 727 21.61 -4.21 8.85
C PRO A 727 21.23 -4.05 7.36
N ASN A 728 21.52 -2.89 6.78
CA ASN A 728 21.36 -2.63 5.33
C ASN A 728 21.79 -3.76 4.40
N LEU A 729 22.93 -4.37 4.69
CA LEU A 729 23.60 -5.34 3.80
C LEU A 729 23.39 -6.82 4.20
N ARG A 730 22.78 -7.06 5.34
CA ARG A 730 22.56 -8.43 5.84
C ARG A 730 21.89 -9.44 4.90
N SER A 731 20.85 -9.04 4.19
CA SER A 731 20.15 -10.00 3.31
C SER A 731 21.03 -10.44 2.12
N THR A 732 21.83 -9.54 1.55
CA THR A 732 22.77 -9.95 0.50
C THR A 732 23.96 -10.72 1.07
N ILE A 733 24.60 -10.22 2.14
CA ILE A 733 25.70 -10.98 2.81
C ILE A 733 25.20 -12.36 3.26
N TYR A 734 24.16 -12.42 4.07
CA TYR A 734 23.63 -13.72 4.56
C TYR A 734 23.38 -14.72 3.42
N CYS A 735 22.74 -14.25 2.34
CA CYS A 735 22.40 -15.13 1.21
C CYS A 735 23.67 -15.66 0.52
N ASN A 736 24.56 -14.75 0.13
CA ASN A 736 25.76 -15.09 -0.63
C ASN A 736 26.83 -15.88 0.15
N ALA A 737 26.80 -15.82 1.49
CA ALA A 737 27.70 -16.61 2.36
C ALA A 737 27.13 -17.96 2.69
N ILE A 738 25.81 -18.09 2.73
CA ILE A 738 25.20 -19.42 2.87
C ILE A 738 25.34 -20.20 1.57
N ALA A 739 25.40 -19.48 0.44
CA ALA A 739 25.54 -20.11 -0.86
C ALA A 739 26.92 -20.69 -1.04
N GLN A 740 27.96 -19.94 -0.66
CA GLN A 740 29.36 -20.39 -0.79
C GLN A 740 29.73 -21.47 0.21
N GLY A 741 29.03 -21.46 1.34
CA GLY A 741 29.25 -22.40 2.44
C GLY A 741 28.50 -23.70 2.26
N GLY A 742 28.05 -24.25 3.39
CA GLY A 742 27.39 -25.56 3.44
C GLY A 742 26.75 -25.64 4.79
N GLN A 743 26.73 -26.84 5.41
CA GLN A 743 25.96 -27.04 6.66
C GLN A 743 26.56 -26.33 7.90
N ASP A 744 27.84 -25.97 7.89
CA ASP A 744 28.41 -25.15 8.97
C ASP A 744 27.73 -23.77 9.05
N GLN A 745 27.50 -23.13 7.90
CA GLN A 745 26.87 -21.80 7.82
C GLN A 745 25.35 -21.86 7.91
N TRP A 746 24.74 -22.87 7.26
CA TRP A 746 23.29 -23.06 7.34
C TRP A 746 22.84 -23.41 8.76
N ASP A 747 23.40 -24.44 9.39
CA ASP A 747 23.03 -24.79 10.79
C ASP A 747 23.26 -23.64 11.77
N PHE A 748 24.17 -22.72 11.46
CA PHE A 748 24.42 -21.54 12.32
C PHE A 748 23.27 -20.54 12.25
N ALA A 749 22.93 -20.13 11.01
CA ALA A 749 21.81 -19.22 10.76
C ALA A 749 20.43 -19.76 11.21
N TRP A 750 20.24 -21.08 11.19
CA TRP A 750 19.02 -21.72 11.72
C TRP A 750 18.99 -21.73 13.26
N GLY A 751 20.17 -21.71 13.89
CA GLY A 751 20.29 -21.48 15.34
C GLY A 751 19.90 -20.07 15.72
N GLN A 752 20.34 -19.11 14.92
CA GLN A 752 19.86 -17.72 15.04
C GLN A 752 18.34 -17.57 14.82
N LEU A 753 17.85 -18.00 13.67
CA LEU A 753 16.42 -17.88 13.36
C LEU A 753 15.51 -18.47 14.43
N GLN A 754 15.85 -19.62 14.99
CA GLN A 754 15.05 -20.20 16.08
C GLN A 754 15.10 -19.36 17.35
N GLN A 755 16.22 -18.71 17.61
CA GLN A 755 16.33 -17.85 18.77
C GLN A 755 15.94 -16.38 18.48
N ALA A 756 15.83 -15.98 17.22
CA ALA A 756 15.58 -14.57 16.85
C ALA A 756 14.31 -13.99 17.47
N GLN A 757 14.45 -12.82 18.05
CA GLN A 757 13.38 -12.14 18.76
C GLN A 757 12.57 -11.31 17.80
N LEU A 758 13.25 -10.61 16.91
CA LEU A 758 12.65 -9.60 16.04
C LEU A 758 12.18 -10.22 14.73
N VAL A 759 11.06 -9.72 14.22
CA VAL A 759 10.47 -10.27 13.01
C VAL A 759 11.36 -9.98 11.79
N ASN A 760 11.93 -8.77 11.71
CA ASN A 760 12.70 -8.36 10.54
C ASN A 760 14.06 -9.07 10.39
N GLU A 761 14.63 -9.58 11.49
CA GLU A 761 15.83 -10.39 11.42
C GLU A 761 15.45 -11.79 10.90
N ALA A 762 14.51 -12.43 11.59
CA ALA A 762 13.97 -13.71 11.18
C ALA A 762 13.56 -13.81 9.67
N ASP A 763 13.08 -12.72 9.07
CA ASP A 763 12.73 -12.67 7.64
C ASP A 763 13.98 -12.77 6.77
N LYS A 764 15.04 -12.09 7.18
CA LYS A 764 16.29 -12.15 6.44
C LYS A 764 16.95 -13.51 6.60
N LEU A 765 16.94 -14.08 7.82
CA LEU A 765 17.44 -15.44 8.05
C LEU A 765 16.71 -16.49 7.23
N ARG A 766 15.38 -16.51 7.30
CA ARG A 766 14.54 -17.41 6.45
C ARG A 766 14.83 -17.34 4.95
N SER A 767 14.95 -16.12 4.45
CA SER A 767 15.20 -15.90 3.05
C SER A 767 16.61 -16.40 2.69
N ALA A 768 17.54 -16.17 3.62
CA ALA A 768 18.95 -16.53 3.41
C ALA A 768 19.15 -18.04 3.43
N LEU A 769 18.53 -18.70 4.41
CA LEU A 769 18.52 -20.17 4.48
C LEU A 769 18.07 -20.88 3.18
N ALA A 770 17.30 -20.20 2.33
CA ALA A 770 16.94 -20.71 1.01
C ALA A 770 17.96 -20.42 -0.12
N CYS A 771 19.16 -19.91 0.18
CA CYS A 771 20.20 -19.69 -0.86
C CYS A 771 21.30 -20.78 -0.86
N SER A 772 21.09 -21.87 -0.14
CA SER A 772 22.00 -23.00 -0.16
C SER A 772 22.07 -23.62 -1.57
N ASN A 773 23.26 -24.11 -1.97
CA ASN A 773 23.43 -24.91 -3.21
C ASN A 773 23.51 -26.41 -2.97
N GLU A 774 23.28 -26.82 -1.74
CA GLU A 774 23.21 -28.22 -1.36
C GLU A 774 21.76 -28.69 -1.53
N VAL A 775 21.49 -29.57 -2.48
CA VAL A 775 20.14 -30.05 -2.65
C VAL A 775 19.55 -30.58 -1.34
N TRP A 776 20.31 -31.36 -0.57
CA TRP A 776 19.79 -32.02 0.65
C TRP A 776 19.29 -31.05 1.73
N LEU A 777 19.94 -29.89 1.84
CA LEU A 777 19.57 -28.84 2.78
C LEU A 777 18.21 -28.22 2.41
N LEU A 778 18.09 -27.83 1.15
CA LEU A 778 16.83 -27.28 0.65
C LEU A 778 15.67 -28.24 0.84
N ASN A 779 15.89 -29.53 0.59
CA ASN A 779 14.83 -30.51 0.81
C ASN A 779 14.52 -30.72 2.26
N ARG A 780 15.54 -30.56 3.11
CA ARG A 780 15.33 -30.59 4.56
C ARG A 780 14.51 -29.38 4.97
N TYR A 781 14.91 -28.21 4.48
CA TYR A 781 14.19 -26.95 4.71
C TYR A 781 12.73 -27.04 4.33
N LEU A 782 12.42 -27.48 3.11
CA LEU A 782 11.03 -27.73 2.67
C LEU A 782 10.25 -28.61 3.67
N GLY A 783 10.92 -29.60 4.25
CA GLY A 783 10.31 -30.44 5.26
C GLY A 783 9.91 -29.64 6.49
N TYR A 784 10.75 -28.67 6.88
CA TYR A 784 10.49 -27.84 8.05
C TYR A 784 9.38 -26.78 7.87
N THR A 785 8.94 -26.52 6.66
CA THR A 785 7.91 -25.50 6.43
C THR A 785 6.52 -25.88 6.95
N LEU A 786 6.22 -27.18 7.00
CA LEU A 786 4.94 -27.67 7.53
C LEU A 786 5.07 -28.16 8.98
N ASN A 787 6.04 -27.65 9.75
CA ASN A 787 6.14 -27.95 11.19
C ASN A 787 6.02 -26.62 11.94
N PRO A 788 4.83 -26.35 12.56
CA PRO A 788 4.53 -25.11 13.33
C PRO A 788 5.56 -24.67 14.37
N ASP A 789 6.20 -25.61 15.06
CA ASP A 789 7.30 -25.31 16.01
C ASP A 789 8.46 -24.55 15.37
N LEU A 790 8.86 -25.02 14.18
CA LEU A 790 10.06 -24.54 13.47
C LEU A 790 9.74 -23.35 12.60
N ILE A 791 8.66 -23.47 11.82
CA ILE A 791 8.21 -22.41 10.93
C ILE A 791 6.73 -22.09 11.16
N ARG A 792 6.45 -20.82 11.49
CA ARG A 792 5.08 -20.32 11.70
C ARG A 792 4.23 -20.56 10.46
N LYS A 793 3.04 -21.15 10.64
CA LYS A 793 2.04 -21.35 9.56
C LYS A 793 2.05 -20.26 8.50
N GLN A 794 1.94 -19.01 8.93
CA GLN A 794 1.89 -17.84 8.03
C GLN A 794 3.19 -17.51 7.28
N ASP A 795 4.29 -18.18 7.65
CA ASP A 795 5.56 -18.06 6.94
C ASP A 795 5.83 -19.20 5.96
N ALA A 796 5.02 -20.24 5.96
CA ALA A 796 5.33 -21.44 5.20
C ALA A 796 5.37 -21.13 3.72
N THR A 797 4.31 -20.55 3.18
CA THR A 797 4.27 -20.33 1.73
C THR A 797 5.29 -19.28 1.31
N SER A 798 5.58 -18.36 2.20
CA SER A 798 6.63 -17.41 1.95
C SER A 798 7.93 -18.16 1.79
N THR A 799 8.24 -19.01 2.77
CA THR A 799 9.48 -19.78 2.83
C THR A 799 9.65 -20.68 1.61
N ILE A 800 8.57 -21.38 1.24
CA ILE A 800 8.58 -22.22 0.04
C ILE A 800 8.89 -21.41 -1.21
N ASN A 801 8.35 -20.20 -1.31
CA ASN A 801 8.70 -19.35 -2.45
C ASN A 801 10.13 -18.91 -2.48
N SER A 802 10.73 -18.76 -1.31
CA SER A 802 12.10 -18.27 -1.29
C SER A 802 13.01 -19.35 -1.84
N ILE A 803 12.74 -20.59 -1.42
CA ILE A 803 13.42 -21.79 -1.92
C ILE A 803 13.26 -21.88 -3.44
N ALA A 804 12.03 -21.78 -3.94
CA ALA A 804 11.76 -21.86 -5.37
C ALA A 804 12.36 -20.72 -6.19
N SER A 805 12.65 -19.59 -5.56
CA SER A 805 13.34 -18.48 -6.24
C SER A 805 14.77 -18.83 -6.53
N ASN A 806 15.35 -19.70 -5.68
CA ASN A 806 16.66 -20.30 -5.91
C ASN A 806 16.56 -21.39 -6.98
N VAL A 807 17.30 -21.19 -8.06
CA VAL A 807 17.19 -21.95 -9.31
C VAL A 807 17.35 -23.48 -9.08
N ILE A 808 18.31 -23.83 -8.25
CA ILE A 808 18.45 -25.21 -7.77
C ILE A 808 17.18 -25.67 -7.03
N GLY A 809 16.55 -24.75 -6.28
CA GLY A 809 15.31 -24.97 -5.54
C GLY A 809 14.02 -25.07 -6.34
N GLN A 810 13.97 -24.43 -7.51
CA GLN A 810 12.81 -24.53 -8.42
C GLN A 810 12.17 -25.94 -8.50
N PRO A 811 12.93 -26.97 -8.99
CA PRO A 811 12.38 -28.35 -9.10
C PRO A 811 12.10 -29.04 -7.77
N LEU A 812 12.80 -28.65 -6.70
CA LEU A 812 12.53 -29.23 -5.37
C LEU A 812 11.20 -28.75 -4.79
N ALA A 813 10.93 -27.45 -4.91
CA ALA A 813 9.68 -26.82 -4.49
C ALA A 813 8.53 -27.34 -5.33
N TRP A 814 8.66 -27.29 -6.64
CA TRP A 814 7.63 -27.82 -7.53
C TRP A 814 7.24 -29.27 -7.18
N ASP A 815 8.21 -30.11 -6.91
CA ASP A 815 7.91 -31.49 -6.51
C ASP A 815 7.25 -31.49 -5.13
N PHE A 816 7.67 -30.60 -4.24
CA PHE A 816 7.11 -30.52 -2.90
C PHE A 816 5.67 -30.03 -2.94
N VAL A 817 5.40 -28.92 -3.63
CA VAL A 817 4.03 -28.43 -3.82
C VAL A 817 3.14 -29.53 -4.40
N GLN A 818 3.39 -29.91 -5.65
CA GLN A 818 2.64 -30.99 -6.33
C GLN A 818 2.26 -32.20 -5.48
N SER A 819 3.23 -32.72 -4.76
CA SER A 819 3.10 -33.88 -3.91
C SER A 819 2.22 -33.71 -2.70
N ASN A 820 2.40 -32.60 -2.02
CA ASN A 820 1.76 -32.37 -0.75
C ASN A 820 0.53 -31.53 -0.91
N TRP A 821 0.17 -31.26 -2.14
CA TRP A 821 -0.85 -30.30 -2.46
C TRP A 821 -2.12 -30.71 -1.79
N LYS A 822 -2.23 -31.97 -1.47
CA LYS A 822 -3.46 -32.49 -0.96
C LYS A 822 -3.80 -31.72 0.29
N LYS A 823 -2.80 -31.13 0.93
CA LYS A 823 -3.08 -30.47 2.18
C LYS A 823 -3.70 -29.13 1.90
N LEU A 824 -4.66 -29.13 1.00
CA LEU A 824 -5.66 -28.11 1.04
C LEU A 824 -6.53 -28.40 2.26
N PHE A 825 -6.91 -29.67 2.44
CA PHE A 825 -7.83 -30.02 3.55
C PHE A 825 -7.21 -30.13 4.97
N GLN A 826 -5.99 -29.65 5.17
CA GLN A 826 -5.47 -29.29 6.51
C GLN A 826 -5.17 -27.79 6.71
N ASP A 827 -4.88 -27.07 5.62
CA ASP A 827 -4.51 -25.65 5.67
C ASP A 827 -5.49 -24.69 4.93
N TYR A 828 -6.61 -25.22 4.41
CA TYR A 828 -7.79 -24.40 4.04
C TYR A 828 -8.88 -24.41 5.14
N GLY A 829 -8.91 -25.52 5.88
CA GLY A 829 -9.57 -25.65 7.16
C GLY A 829 -8.58 -25.60 8.31
N GLY A 830 -7.28 -25.63 7.97
CA GLY A 830 -6.23 -25.32 8.90
C GLY A 830 -5.96 -23.83 8.92
N GLY A 831 -6.49 -23.14 7.90
CA GLY A 831 -6.36 -21.70 7.78
C GLY A 831 -6.36 -21.37 6.30
N SER A 832 -6.40 -20.09 5.93
CA SER A 832 -6.51 -19.81 4.51
C SER A 832 -5.29 -20.30 3.74
N PHE A 833 -4.12 -19.91 4.21
CA PHE A 833 -2.87 -20.41 3.67
C PHE A 833 -2.36 -19.80 2.36
N SER A 834 -3.09 -18.86 1.78
CA SER A 834 -2.60 -18.19 0.57
C SER A 834 -2.13 -19.06 -0.60
N PHE A 835 -2.96 -20.00 -1.01
CA PHE A 835 -2.59 -20.86 -2.10
C PHE A 835 -2.33 -20.05 -3.34
N SER A 836 -2.99 -18.92 -3.50
CA SER A 836 -2.82 -18.13 -4.70
C SER A 836 -1.38 -17.68 -4.85
N ASN A 837 -0.75 -17.27 -3.75
CA ASN A 837 0.63 -16.77 -3.74
C ASN A 837 1.67 -17.86 -4.04
N LEU A 838 1.46 -19.04 -3.44
CA LEU A 838 2.37 -20.18 -3.56
C LEU A 838 2.55 -20.61 -5.01
N ILE A 839 1.44 -20.98 -5.65
CA ILE A 839 1.39 -21.31 -7.08
C ILE A 839 1.97 -20.22 -7.98
N GLN A 840 1.50 -18.99 -7.81
CA GLN A 840 1.98 -17.90 -8.66
C GLN A 840 3.51 -17.79 -8.56
N GLY A 841 4.09 -18.16 -7.41
CA GLY A 841 5.54 -18.12 -7.23
C GLY A 841 6.30 -19.34 -7.74
N VAL A 842 5.82 -20.51 -7.38
CA VAL A 842 6.49 -21.75 -7.73
C VAL A 842 6.46 -22.00 -9.27
N THR A 843 5.45 -21.47 -9.96
CA THR A 843 5.35 -21.57 -11.43
C THR A 843 5.70 -20.29 -12.18
N ARG A 844 6.23 -19.29 -11.49
CA ARG A 844 6.58 -18.00 -12.11
C ARG A 844 7.43 -18.22 -13.37
N ARG A 845 8.48 -19.03 -13.23
CA ARG A 845 9.45 -19.34 -14.30
C ARG A 845 8.94 -20.08 -15.56
N PHE A 846 7.92 -20.91 -15.42
CA PHE A 846 7.65 -21.90 -16.46
C PHE A 846 7.57 -21.27 -17.84
N SER A 847 8.40 -21.73 -18.77
CA SER A 847 8.57 -21.04 -20.05
C SER A 847 8.72 -21.96 -21.25
N SER A 848 8.39 -23.24 -21.11
CA SER A 848 8.52 -24.20 -22.18
C SER A 848 7.22 -24.98 -22.38
N GLU A 849 7.11 -25.60 -23.56
CA GLU A 849 6.01 -26.51 -23.87
C GLU A 849 5.99 -27.66 -22.87
N PHE A 850 7.16 -28.17 -22.50
CA PHE A 850 7.25 -29.29 -21.58
C PHE A 850 6.72 -28.96 -20.19
N GLU A 851 7.07 -27.77 -19.70
CA GLU A 851 6.62 -27.31 -18.37
C GLU A 851 5.10 -27.04 -18.37
N LEU A 852 4.64 -26.41 -19.43
CA LEU A 852 3.21 -26.21 -19.60
C LEU A 852 2.42 -27.51 -19.52
N GLN A 853 2.91 -28.60 -20.11
CA GLN A 853 2.23 -29.92 -19.97
C GLN A 853 2.23 -30.42 -18.51
N GLN A 854 3.34 -30.20 -17.79
CA GLN A 854 3.44 -30.57 -16.37
C GLN A 854 2.42 -29.84 -15.48
N LEU A 855 2.03 -28.64 -15.90
CA LEU A 855 1.01 -27.90 -15.20
C LEU A 855 -0.40 -28.39 -15.58
N GLU A 856 -0.59 -28.79 -16.83
CA GLU A 856 -1.83 -29.44 -17.27
C GLU A 856 -1.95 -30.83 -16.66
N GLN A 857 -0.81 -31.47 -16.41
CA GLN A 857 -0.79 -32.80 -15.83
C GLN A 857 -1.06 -32.77 -14.33
N PHE A 858 -0.48 -31.78 -13.64
CA PHE A 858 -0.79 -31.51 -12.23
C PHE A 858 -2.27 -31.18 -12.11
N LYS A 859 -2.77 -30.47 -13.09
CA LYS A 859 -4.12 -29.98 -13.07
C LYS A 859 -5.02 -31.16 -12.97
N LYS A 860 -4.61 -32.26 -13.55
CA LYS A 860 -5.50 -33.36 -13.75
C LYS A 860 -6.07 -33.95 -12.47
N ASN A 861 -5.42 -33.74 -11.32
CA ASN A 861 -6.07 -34.14 -10.07
C ASN A 861 -7.09 -33.09 -9.58
N ASN A 862 -7.99 -32.77 -10.49
CA ASN A 862 -9.11 -31.89 -10.23
C ASN A 862 -10.00 -32.54 -9.21
N MET A 863 -10.09 -33.86 -9.29
CA MET A 863 -10.98 -34.57 -8.41
C MET A 863 -10.49 -34.31 -7.02
N ASP A 864 -11.41 -33.86 -6.18
CA ASP A 864 -11.07 -33.61 -4.83
C ASP A 864 -10.21 -32.39 -4.89
N VAL A 865 -9.59 -32.07 -3.78
CA VAL A 865 -8.50 -31.13 -3.76
C VAL A 865 -8.97 -29.75 -4.14
N GLY A 866 -9.50 -29.60 -5.34
CA GLY A 866 -9.91 -28.29 -5.79
C GLY A 866 -8.66 -27.45 -5.79
N PHE A 867 -8.76 -26.15 -5.56
CA PHE A 867 -7.56 -25.37 -5.36
C PHE A 867 -7.62 -24.38 -4.19
N GLY A 868 -8.62 -24.50 -3.35
CA GLY A 868 -8.80 -23.53 -2.29
C GLY A 868 -9.02 -22.20 -2.96
N SER A 869 -8.52 -21.13 -2.35
CA SER A 869 -8.70 -19.79 -2.88
C SER A 869 -8.04 -19.63 -4.23
N GLY A 870 -6.84 -20.18 -4.33
CA GLY A 870 -6.03 -20.07 -5.55
C GLY A 870 -6.48 -20.93 -6.72
N THR A 871 -7.79 -21.19 -6.81
CA THR A 871 -8.38 -21.63 -8.07
C THR A 871 -8.39 -20.39 -8.95
N ARG A 872 -7.93 -20.53 -10.19
CA ARG A 872 -7.89 -19.42 -11.17
C ARG A 872 -6.67 -18.47 -10.99
N ALA A 873 -5.85 -18.69 -9.96
CA ALA A 873 -4.43 -18.35 -10.01
C ALA A 873 -3.63 -19.50 -10.69
N LEU A 874 -4.22 -20.71 -10.74
CA LEU A 874 -3.71 -21.83 -11.54
C LEU A 874 -4.01 -21.66 -13.02
N GLU A 875 -5.07 -20.93 -13.38
CA GLU A 875 -5.37 -20.59 -14.77
C GLU A 875 -4.52 -19.42 -15.22
N GLN A 876 -4.35 -18.45 -14.33
CA GLN A 876 -3.37 -17.38 -14.53
C GLN A 876 -1.96 -17.95 -14.79
N ALA A 877 -1.59 -19.02 -14.10
CA ALA A 877 -0.33 -19.70 -14.40
C ALA A 877 -0.32 -20.22 -15.84
N LEU A 878 -1.31 -21.02 -16.21
CA LEU A 878 -1.38 -21.60 -17.57
C LEU A 878 -1.37 -20.56 -18.68
N GLU A 879 -2.09 -19.45 -18.44
CA GLU A 879 -2.11 -18.30 -19.36
C GLU A 879 -0.75 -17.64 -19.43
N LYS A 880 -0.22 -17.32 -18.25
CA LYS A 880 1.10 -16.71 -18.11
C LYS A 880 2.17 -17.59 -18.79
N THR A 881 2.12 -18.90 -18.54
CA THR A 881 3.06 -19.86 -19.15
C THR A 881 3.06 -19.77 -20.68
N LYS A 882 1.89 -19.76 -21.28
CA LYS A 882 1.74 -19.57 -22.74
C LYS A 882 2.38 -18.28 -23.20
N ALA A 883 2.04 -17.18 -22.52
CA ALA A 883 2.64 -15.88 -22.83
C ALA A 883 4.18 -15.84 -22.63
N ASN A 884 4.70 -16.64 -21.70
CA ASN A 884 6.18 -16.80 -21.52
C ASN A 884 6.86 -17.60 -22.62
N ILE A 885 6.26 -18.73 -22.99
CA ILE A 885 6.74 -19.55 -24.11
C ILE A 885 6.87 -18.68 -25.35
N LYS A 886 5.75 -18.07 -25.73
CA LYS A 886 5.70 -17.17 -26.87
C LYS A 886 6.74 -16.03 -26.82
N TRP A 887 6.99 -15.47 -25.63
CA TRP A 887 7.96 -14.35 -25.48
C TRP A 887 9.39 -14.87 -25.60
N VAL A 888 9.66 -16.04 -25.01
CA VAL A 888 11.00 -16.65 -25.07
C VAL A 888 11.42 -17.02 -26.50
N LYS A 889 10.50 -17.56 -27.30
CA LYS A 889 10.81 -17.84 -28.73
C LYS A 889 11.21 -16.56 -29.48
N GLU A 890 10.43 -15.50 -29.32
CA GLU A 890 10.71 -14.25 -30.04
C GLU A 890 12.01 -13.58 -29.60
N ASN A 891 12.44 -13.78 -28.35
CA ASN A 891 13.50 -12.94 -27.78
C ASN A 891 14.86 -13.62 -27.47
N LYS A 892 14.86 -14.94 -27.19
CA LYS A 892 16.06 -15.69 -26.72
C LYS A 892 17.26 -15.53 -27.63
N GLU A 893 16.98 -15.59 -28.94
CA GLU A 893 17.96 -15.33 -30.00
C GLU A 893 18.73 -14.03 -29.79
N VAL A 894 17.98 -12.92 -29.82
CA VAL A 894 18.51 -11.56 -29.99
C VAL A 894 19.11 -11.06 -28.71
N VAL A 895 18.50 -11.48 -27.61
CA VAL A 895 18.98 -11.17 -26.28
C VAL A 895 20.37 -11.74 -26.14
N LEU A 896 20.46 -13.06 -26.36
CA LEU A 896 21.73 -13.78 -26.28
C LEU A 896 22.85 -13.04 -27.00
N ASN A 897 22.63 -12.78 -28.28
CA ASN A 897 23.60 -12.05 -29.09
C ASN A 897 23.95 -10.72 -28.45
N TRP A 898 22.92 -9.99 -28.03
CA TRP A 898 23.16 -8.68 -27.41
C TRP A 898 24.11 -8.80 -26.18
N PHE A 899 23.91 -9.79 -25.32
CA PHE A 899 24.74 -9.91 -24.10
C PHE A 899 26.17 -10.33 -24.37
N ILE A 900 26.35 -11.32 -25.26
CA ILE A 900 27.67 -11.74 -25.78
C ILE A 900 28.41 -10.56 -26.42
N GLU A 901 27.72 -9.85 -27.29
CA GLU A 901 28.28 -8.68 -27.99
C GLU A 901 28.82 -7.60 -27.04
N HIS A 902 28.27 -7.51 -25.82
CA HIS A 902 28.52 -6.39 -24.93
C HIS A 902 29.14 -6.78 -23.57
N SER A 903 29.65 -7.98 -23.47
CA SER A 903 30.27 -8.43 -22.24
C SER A 903 31.80 -8.53 -22.38
C1 NAG B . -25.56 10.58 26.85
C2 NAG B . -26.88 10.81 27.56
C3 NAG B . -26.78 12.10 28.35
C4 NAG B . -25.61 12.05 29.32
C5 NAG B . -24.33 11.69 28.55
C6 NAG B . -23.11 11.52 29.47
C7 NAG B . -29.04 10.36 26.53
C8 NAG B . -29.86 10.68 25.32
N2 NAG B . -27.86 10.93 26.52
O3 NAG B . -28.01 12.27 29.06
O4 NAG B . -25.45 13.34 29.91
O5 NAG B . -24.53 10.47 27.83
O6 NAG B . -23.33 10.45 30.39
O7 NAG B . -29.46 9.65 27.43
C1 NAG B . -25.34 13.30 31.35
C2 NAG B . -24.84 14.67 31.78
C3 NAG B . -24.98 14.97 33.28
C4 NAG B . -26.12 14.26 34.06
C5 NAG B . -26.66 12.98 33.35
C6 NAG B . -28.15 12.68 33.64
C7 NAG B . -23.03 15.52 30.29
C8 NAG B . -24.02 16.32 29.44
N2 NAG B . -23.45 14.79 31.34
O3 NAG B . -25.16 16.40 33.43
O4 NAG B . -25.53 13.97 35.36
O5 NAG B . -26.60 13.02 31.93
O6 NAG B . -28.61 11.69 32.71
O7 NAG B . -21.84 15.58 29.99
C1 NAG B . -26.22 14.24 36.63
C2 NAG B . -26.25 15.75 37.03
C3 NAG B . -27.48 16.18 37.88
C4 NAG B . -28.63 15.16 38.06
C5 NAG B . -28.16 13.71 37.93
C6 NAG B . -29.29 12.69 38.02
C7 NAG B . -24.51 17.38 37.87
C8 NAG B . -23.28 17.53 38.72
N2 NAG B . -25.03 16.13 37.80
O3 NAG B . -28.06 17.36 37.30
O4 NAG B . -29.26 15.35 39.34
O5 NAG B . -27.52 13.63 36.65
O6 NAG B . -29.14 11.86 39.18
O7 NAG B . -24.98 18.35 37.30
C1 NAG C . -26.60 -14.49 19.13
C2 NAG C . -25.64 -15.29 20.02
C3 NAG C . -25.39 -16.75 19.58
C4 NAG C . -26.60 -17.45 18.96
C5 NAG C . -27.31 -16.49 18.01
C6 NAG C . -28.58 -17.04 17.39
C7 NAG C . -24.12 -13.61 21.04
C8 NAG C . -22.72 -13.11 21.00
N2 NAG C . -24.35 -14.60 20.17
O3 NAG C . -24.93 -17.49 20.72
O4 NAG C . -26.19 -18.68 18.30
O5 NAG C . -27.69 -15.34 18.77
O6 NAG C . -29.67 -16.90 18.32
O7 NAG C . -24.97 -13.15 21.80
C1 NAG C . -26.87 -19.86 18.83
C2 NAG C . -26.60 -21.10 17.96
C3 NAG C . -26.09 -22.40 18.68
C4 NAG C . -26.51 -22.55 20.17
C5 NAG C . -27.27 -21.31 20.68
C6 NAG C . -27.48 -21.28 22.20
C7 NAG C . -28.25 -20.80 16.12
C8 NAG C . -29.59 -21.26 15.62
N2 NAG C . -27.85 -21.39 17.26
O3 NAG C . -24.67 -22.48 18.56
O4 NAG C . -27.38 -23.70 20.32
O5 NAG C . -26.59 -20.15 20.21
O6 NAG C . -26.58 -20.38 22.84
O7 NAG C . -27.57 -19.96 15.54
C1 NAG C . -26.88 -24.94 20.91
C2 NAG C . -25.73 -25.59 20.07
C3 NAG C . -25.00 -26.72 20.82
C4 NAG C . -24.82 -26.41 22.31
C5 NAG C . -26.21 -26.11 22.90
C6 NAG C . -26.33 -26.11 24.44
C7 NAG C . -25.60 -26.24 17.64
C8 NAG C . -26.42 -26.77 16.49
N2 NAG C . -26.29 -26.08 18.79
O3 NAG C . -23.71 -26.99 20.21
O4 NAG C . -24.15 -27.49 22.98
O5 NAG C . -26.59 -24.85 22.33
O6 NAG C . -25.04 -26.21 25.10
O7 NAG C . -24.42 -26.00 17.51
C1 NAG D . -22.67 13.91 24.04
C2 NAG D . -24.19 14.10 23.95
C3 NAG D . -24.49 15.51 23.54
C4 NAG D . -23.76 16.55 24.38
C5 NAG D . -22.26 16.21 24.45
C6 NAG D . -21.41 17.20 25.24
C7 NAG D . -25.93 12.49 23.19
C8 NAG D . -26.34 11.55 22.09
N2 NAG D . -24.78 13.15 23.02
O3 NAG D . -25.87 15.71 23.71
O4 NAG D . -24.05 17.86 23.80
O5 NAG D . -22.08 14.85 24.94
O6 NAG D . -20.97 16.64 26.46
O7 NAG D . -26.69 12.61 24.15
C1 NAG D . -25.05 18.63 24.54
C2 NAG D . -24.83 20.15 24.48
C3 NAG D . -25.99 20.95 25.13
C4 NAG D . -27.39 20.38 24.83
C5 NAG D . -27.36 18.86 25.07
C6 NAG D . -28.72 18.17 24.89
C7 NAG D . -22.39 20.72 24.47
C8 NAG D . -21.17 21.00 25.34
N2 NAG D . -23.54 20.46 25.13
O3 NAG D . -25.98 22.30 24.69
O4 NAG D . -28.41 21.07 25.60
O5 NAG D . -26.39 18.31 24.15
O6 NAG D . -29.14 18.29 23.52
O7 NAG D . -22.30 20.74 23.26
C1 NAG E . -4.41 -7.59 35.24
C2 NAG E . -3.00 -8.17 35.08
C3 NAG E . -3.19 -9.64 34.63
C4 NAG E . -4.00 -10.46 35.67
C5 NAG E . -5.38 -9.77 35.88
C6 NAG E . -6.32 -10.29 36.99
C7 NAG E . -1.65 -6.21 34.20
C8 NAG E . -0.65 -5.76 33.15
N2 NAG E . -2.07 -7.50 34.16
O3 NAG E . -1.91 -10.20 34.31
O4 NAG E . -4.18 -11.81 35.17
O5 NAG E . -5.15 -8.39 36.19
O6 NAG E . -6.12 -11.65 37.37
O7 NAG E . -2.04 -5.39 35.01
C1 NAG E . -3.18 -12.79 35.60
C2 NAG E . -3.46 -14.13 34.93
C3 NAG E . -2.50 -15.18 35.50
C4 NAG E . -1.04 -14.75 35.32
C5 NAG E . -0.83 -13.33 35.88
C6 NAG E . 0.59 -12.78 35.63
C7 NAG E . -5.79 -14.50 34.09
C8 NAG E . -7.18 -14.92 34.47
N2 NAG E . -4.87 -14.52 35.08
O3 NAG E . -2.71 -16.44 34.85
O4 NAG E . -0.17 -15.69 35.97
O5 NAG E . -1.81 -12.45 35.31
O6 NAG E . 0.80 -12.24 34.31
O7 NAG E . -5.54 -14.14 32.94
C1 NAG F . 14.71 9.70 18.90
C2 NAG F . 15.95 8.91 18.43
C3 NAG F . 16.75 8.43 19.64
C4 NAG F . 17.18 9.64 20.49
C5 NAG F . 15.96 10.49 20.85
C6 NAG F . 16.34 11.77 21.60
C7 NAG F . 15.78 7.68 16.32
C8 NAG F . 15.59 6.30 15.74
N2 NAG F . 15.72 7.71 17.65
O3 NAG F . 17.88 7.66 19.22
O4 NAG F . 17.87 9.10 21.64
O5 NAG F . 15.23 10.81 19.65
O6 NAG F . 15.44 12.85 21.32
O7 NAG F . 15.98 8.65 15.58
C1 NAG F . 19.30 9.28 21.64
C2 NAG F . 19.53 10.54 22.52
C3 NAG F . 19.96 10.24 23.98
C4 NAG F . 20.44 8.81 24.28
C5 NAG F . 21.07 8.22 23.01
C6 NAG F . 21.74 6.85 23.22
C7 NAG F . 21.22 11.62 20.86
C8 NAG F . 21.58 12.93 20.20
N2 NAG F . 20.18 11.64 21.74
O3 NAG F . 18.80 10.48 24.80
O4 NAG F . 21.36 8.76 25.40
O5 NAG F . 20.02 8.08 22.04
O6 NAG F . 22.92 6.98 24.04
O7 NAG F . 21.90 10.65 20.58
C1 NAG G . -22.68 17.08 3.13
C2 NAG G . -23.84 17.24 4.09
C3 NAG G . -24.67 18.47 3.75
C4 NAG G . -23.89 19.78 3.61
C5 NAG G . -22.89 19.43 2.53
C6 NAG G . -21.87 20.48 2.26
C7 NAG G . -24.89 15.31 5.04
C8 NAG G . -25.67 14.07 4.81
N2 NAG G . -24.61 16.05 3.99
O3 NAG G . -25.70 18.58 4.72
O4 NAG G . -24.74 20.90 3.21
O5 NAG G . -22.08 18.35 2.97
O6 NAG G . -20.96 19.78 1.42
O7 NAG G . -24.53 15.61 6.14
C1 NAG G . -24.39 22.15 3.76
C2 NAG G . -25.10 23.11 2.84
C3 NAG G . -25.16 24.52 3.36
C4 NAG G . -25.61 24.57 4.80
C5 NAG G . -24.97 23.49 5.66
C6 NAG G . -25.91 23.16 6.77
C7 NAG G . -24.99 22.52 0.47
C8 NAG G . -26.43 22.14 0.49
N2 NAG G . -24.47 23.10 1.55
O3 NAG G . -26.11 25.22 2.58
O4 NAG G . -25.34 25.88 5.32
O5 NAG G . -25.01 22.25 5.02
O6 NAG G . -26.71 22.15 6.17
O7 NAG G . -24.30 22.33 -0.49
C1 NAG H . 4.38 15.28 -39.98
C2 NAG H . 4.55 14.00 -40.82
C3 NAG H . 4.31 14.37 -42.27
C4 NAG H . 2.89 14.86 -42.51
C5 NAG H . 2.31 15.81 -41.43
C6 NAG H . 0.84 15.41 -41.14
C7 NAG H . 6.07 12.11 -40.11
C8 NAG H . 4.94 11.23 -39.63
N2 NAG H . 5.85 13.35 -40.64
O3 NAG H . 4.45 13.20 -43.08
O4 NAG H . 2.92 15.50 -43.79
O5 NAG H . 3.06 15.87 -40.17
O6 NAG H . -0.02 16.55 -40.98
O7 NAG H . 7.22 11.70 -40.01
C1 NAG H . 1.92 15.03 -44.72
C2 NAG H . 1.81 16.02 -45.88
C3 NAG H . 0.55 15.65 -46.69
C4 NAG H . 0.73 14.23 -47.23
C5 NAG H . 1.16 13.23 -46.14
C6 NAG H . 1.68 11.92 -46.75
C7 NAG H . 2.89 18.20 -45.34
C8 NAG H . 4.26 17.73 -45.79
N2 NAG H . 1.80 17.40 -45.41
O3 NAG H . 0.37 16.54 -47.80
O4 NAG H . -0.51 13.82 -47.84
O5 NAG H . 2.19 13.73 -45.26
O6 NAG H . 0.62 10.95 -46.82
O7 NAG H . 2.76 19.33 -44.92
C1 NAG I . 13.83 17.54 -10.88
C2 NAG I . 13.70 19.05 -10.66
C3 NAG I . 14.93 19.64 -9.97
C4 NAG I . 15.33 18.90 -8.67
C5 NAG I . 15.30 17.38 -8.98
C6 NAG I . 15.35 16.53 -7.74
C7 NAG I . 12.29 20.26 -12.28
C8 NAG I . 12.27 21.04 -13.55
N2 NAG I . 13.48 19.79 -11.90
O3 NAG I . 14.59 21.00 -9.68
O4 NAG I . 16.61 19.40 -8.15
O5 NAG I . 14.09 16.94 -9.61
O6 NAG I . 15.30 15.17 -8.20
O7 NAG I . 11.27 20.08 -11.64
C1 NAG I . 16.54 20.11 -6.87
C2 NAG I . 17.93 20.17 -6.23
C3 NAG I . 18.13 21.16 -5.08
C4 NAG I . 17.36 22.46 -5.26
C5 NAG I . 15.93 22.18 -5.74
C6 NAG I . 15.11 23.48 -5.85
C7 NAG I . 18.93 17.95 -6.30
C8 NAG I . 19.14 16.67 -5.53
N2 NAG I . 18.23 18.87 -5.67
O3 NAG I . 19.52 21.47 -4.93
O4 NAG I . 17.40 23.13 -4.00
O5 NAG I . 16.01 21.43 -6.98
O6 NAG I . 14.51 23.69 -7.14
O7 NAG I . 19.37 18.15 -7.44
C1 NAG J . 29.41 18.04 -17.47
C2 NAG J . 30.75 18.54 -16.92
C3 NAG J . 30.52 19.34 -15.64
C4 NAG J . 29.54 20.50 -15.88
C5 NAG J . 28.23 19.91 -16.44
C6 NAG J . 27.07 20.91 -16.57
C7 NAG J . 32.65 17.00 -17.48
C8 NAG J . 33.43 15.81 -17.00
N2 NAG J . 31.66 17.42 -16.66
O3 NAG J . 31.76 19.84 -15.08
O4 NAG J . 29.33 21.22 -14.64
O5 NAG J . 28.57 19.21 -17.68
O6 NAG J . 26.97 21.54 -17.84
O7 NAG J . 32.91 17.53 -18.57
ZN ZN K . -4.91 5.77 3.65
#